data_5EQW
#
_entry.id   5EQW
#
_cell.length_a   97.780
_cell.length_b   41.672
_cell.length_c   97.690
_cell.angle_alpha   90.00
_cell.angle_beta   108.64
_cell.angle_gamma   90.00
#
_symmetry.space_group_name_H-M   'P 1 2 1'
#
loop_
_entity.id
_entity.type
_entity.pdbx_description
1 polymer 'Putative major coat protein'
2 non-polymer 'NITRATE ION'
3 water water
#
_entity_poly.entity_id   1
_entity_poly.type   'polypeptide(L)'
_entity_poly.pdbx_seq_one_letter_code
;(MSE)HHHHHH(MSE)AKYEATKGDYAGGVLAILTQYFNN(MSE)VGYPEVSLKLAGEEAN(MSE)SREG(MSE)INQKE
IVHQ(MSE)VETIRRASEPIRQGRGFHDAYVYFASVPENAPPNSIALPPQAQSEVQAKLTEL(MSE)QKLANRNPQGVAE
EEQELATQGI
;
_entity_poly.pdbx_strand_id   A,B,C,D,E
#
loop_
_chem_comp.id
_chem_comp.type
_chem_comp.name
_chem_comp.formula
NO3 non-polymer 'NITRATE ION' 'N O3 -1'
#
# COMPACT_ATOMS: atom_id res chain seq x y z
N ASP A 17 34.92 -9.63 1.41
CA ASP A 17 34.47 -10.82 2.14
C ASP A 17 35.67 -11.62 2.61
N TYR A 18 36.39 -11.07 3.58
CA TYR A 18 37.66 -11.65 3.99
C TYR A 18 37.44 -12.99 4.70
N ALA A 19 36.38 -13.10 5.50
CA ALA A 19 36.06 -14.37 6.13
C ALA A 19 35.78 -15.45 5.09
N GLY A 20 35.09 -15.07 4.01
CA GLY A 20 34.84 -15.99 2.92
C GLY A 20 36.15 -16.40 2.26
N GLY A 21 37.04 -15.44 2.10
CA GLY A 21 38.35 -15.70 1.52
C GLY A 21 39.11 -16.71 2.34
N VAL A 22 38.99 -16.61 3.66
CA VAL A 22 39.65 -17.58 4.54
C VAL A 22 39.09 -18.99 4.33
N LEU A 23 37.77 -19.11 4.19
CA LEU A 23 37.14 -20.39 3.95
C LEU A 23 37.69 -21.01 2.67
N ALA A 24 37.82 -20.19 1.64
CA ALA A 24 38.31 -20.70 0.34
C ALA A 24 39.73 -21.24 0.49
N ILE A 25 40.55 -20.54 1.26
CA ILE A 25 41.93 -20.94 1.52
C ILE A 25 41.97 -22.26 2.28
N LEU A 26 41.16 -22.37 3.33
CA LEU A 26 41.12 -23.63 4.09
C LEU A 26 40.62 -24.79 3.26
N THR A 27 39.68 -24.53 2.34
CA THR A 27 39.17 -25.56 1.45
C THR A 27 40.33 -26.11 0.60
N GLN A 28 41.14 -25.22 0.03
CA GLN A 28 42.27 -25.66 -0.78
C GLN A 28 43.29 -26.44 0.05
N TYR A 29 43.48 -26.02 1.30
CA TYR A 29 44.44 -26.68 2.18
C TYR A 29 43.99 -28.09 2.53
N PHE A 30 42.72 -28.22 2.93
CA PHE A 30 42.20 -29.53 3.31
C PHE A 30 42.09 -30.48 2.13
N ASN A 31 42.07 -29.93 0.91
CA ASN A 31 42.01 -30.74 -0.29
C ASN A 31 43.38 -30.96 -0.90
N ASN A 32 44.42 -30.60 -0.14
CA ASN A 32 45.81 -30.85 -0.50
C ASN A 32 46.21 -30.18 -1.80
N MSE A 33 45.58 -29.04 -2.10
CA MSE A 33 45.87 -28.24 -3.29
CA MSE A 33 45.98 -28.34 -3.31
C MSE A 33 46.96 -27.20 -2.98
O MSE A 33 47.74 -26.81 -3.84
CB MSE A 33 44.59 -27.52 -3.76
CB MSE A 33 44.75 -27.84 -4.06
CG MSE A 33 43.39 -28.42 -4.09
CG MSE A 33 43.99 -28.96 -4.78
SE MSE A 33 41.67 -27.46 -4.38
SE MSE A 33 45.16 -30.14 -5.82
CE MSE A 33 42.22 -26.27 -5.81
CE MSE A 33 45.80 -28.83 -7.11
N VAL A 34 46.95 -26.74 -1.74
CA VAL A 34 47.89 -25.74 -1.26
CA VAL A 34 47.92 -25.76 -1.28
C VAL A 34 48.55 -26.24 0.02
N GLY A 35 49.87 -26.12 0.14
CA GLY A 35 50.54 -26.53 1.35
C GLY A 35 51.10 -25.34 2.11
N TYR A 36 51.75 -25.63 3.22
CA TYR A 36 52.56 -24.66 3.96
C TYR A 36 53.93 -24.55 3.28
N PRO A 37 54.48 -23.33 3.14
CA PRO A 37 54.02 -22.06 3.72
C PRO A 37 53.03 -21.27 2.87
N GLU A 38 52.65 -21.73 1.68
CA GLU A 38 51.74 -20.93 0.84
C GLU A 38 50.43 -20.64 1.57
N VAL A 39 49.87 -21.65 2.23
CA VAL A 39 48.60 -21.48 2.92
C VAL A 39 48.71 -20.40 3.99
N SER A 40 49.85 -20.31 4.66
CA SER A 40 50.00 -19.34 5.75
C SER A 40 50.15 -17.92 5.19
N LEU A 41 50.81 -17.80 4.04
CA LEU A 41 50.93 -16.53 3.38
C LEU A 41 49.56 -16.04 2.89
N LYS A 42 48.75 -16.94 2.36
CA LYS A 42 47.42 -16.55 1.88
C LYS A 42 46.59 -16.09 3.07
N LEU A 43 46.68 -16.81 4.18
CA LEU A 43 45.92 -16.40 5.38
C LEU A 43 46.44 -15.06 5.92
N ALA A 44 47.75 -14.87 5.88
CA ALA A 44 48.32 -13.60 6.34
C ALA A 44 47.84 -12.45 5.48
N GLY A 45 47.59 -12.72 4.19
CA GLY A 45 47.03 -11.72 3.31
C GLY A 45 45.66 -11.27 3.80
N GLU A 46 44.83 -12.23 4.19
CA GLU A 46 43.51 -11.90 4.70
C GLU A 46 43.57 -11.22 6.06
N GLU A 47 44.51 -11.66 6.89
CA GLU A 47 44.74 -11.09 8.21
C GLU A 47 45.01 -9.59 8.12
N ALA A 48 45.82 -9.21 7.13
CA ALA A 48 46.16 -7.81 6.89
C ALA A 48 44.94 -7.02 6.42
N ASN A 49 44.13 -7.63 5.56
CA ASN A 49 42.90 -7.00 5.09
C ASN A 49 41.96 -6.70 6.25
N MSE A 50 41.82 -7.70 7.14
CA MSE A 50 40.96 -7.56 8.30
C MSE A 50 41.46 -6.46 9.23
O MSE A 50 40.68 -5.66 9.73
CB MSE A 50 40.90 -8.88 9.06
CG MSE A 50 39.98 -9.89 8.43
SE MSE A 50 40.52 -11.70 8.90
CE MSE A 50 39.10 -12.70 8.03
N SER A 51 42.77 -6.44 9.44
CA SER A 51 43.37 -5.43 10.32
C SER A 51 43.22 -4.02 9.75
N ARG A 52 43.32 -3.91 8.43
CA ARG A 52 43.16 -2.62 7.78
C ARG A 52 41.75 -2.08 7.99
N GLU A 53 40.77 -2.98 8.03
CA GLU A 53 39.37 -2.55 8.18
C GLU A 53 38.94 -2.59 9.64
N GLY A 54 39.89 -2.78 10.54
CA GLY A 54 39.62 -2.73 11.96
C GLY A 54 38.84 -3.93 12.47
N MSE A 55 38.86 -5.03 11.72
CA MSE A 55 38.17 -6.24 12.13
C MSE A 55 39.09 -7.07 13.01
O MSE A 55 39.61 -8.11 12.58
CB MSE A 55 37.71 -7.04 10.91
CG MSE A 55 36.70 -6.32 10.01
SE MSE A 55 36.42 -7.29 8.34
CE MSE A 55 35.08 -6.14 7.53
N ILE A 56 39.31 -6.61 14.24
CA ILE A 56 40.30 -7.20 15.14
C ILE A 56 39.99 -8.64 15.60
N ASN A 57 38.74 -8.92 15.94
CA ASN A 57 38.35 -10.27 16.32
C ASN A 57 38.69 -11.26 15.24
N GLN A 58 38.29 -10.91 14.02
CA GLN A 58 38.59 -11.77 12.87
C GLN A 58 40.08 -11.87 12.62
N LYS A 59 40.80 -10.76 12.72
CA LYS A 59 42.25 -10.80 12.54
C LYS A 59 42.90 -11.77 13.52
N GLU A 60 42.48 -11.69 14.77
CA GLU A 60 43.05 -12.52 15.82
C GLU A 60 42.76 -14.00 15.59
N ILE A 61 41.57 -14.29 15.06
CA ILE A 61 41.22 -15.68 14.75
C ILE A 61 42.13 -16.22 13.66
N VAL A 62 42.34 -15.43 12.61
CA VAL A 62 43.18 -15.91 11.50
C VAL A 62 44.65 -16.04 11.93
N HIS A 63 45.10 -15.13 12.79
CA HIS A 63 46.44 -15.22 13.37
C HIS A 63 46.62 -16.59 14.06
N GLN A 64 45.59 -17.01 14.78
CA GLN A 64 45.67 -18.31 15.45
C GLN A 64 45.70 -19.45 14.44
N MSE A 65 45.00 -19.29 13.32
CA MSE A 65 45.04 -20.29 12.25
C MSE A 65 46.44 -20.45 11.72
O MSE A 65 46.93 -21.55 11.50
CB MSE A 65 44.12 -19.90 11.11
CG MSE A 65 42.65 -19.89 11.49
SE MSE A 65 41.61 -19.49 9.89
CE MSE A 65 39.81 -19.93 10.54
N VAL A 66 47.08 -19.31 11.47
CA VAL A 66 48.46 -19.34 10.97
C VAL A 66 49.40 -20.02 11.95
N GLU A 67 49.29 -19.66 13.23
CA GLU A 67 50.11 -20.26 14.29
C GLU A 67 49.88 -21.77 14.37
N THR A 68 48.63 -22.19 14.24
CA THR A 68 48.29 -23.61 14.29
C THR A 68 48.98 -24.40 13.18
N ILE A 69 48.91 -23.89 11.96
CA ILE A 69 49.53 -24.57 10.84
C ILE A 69 51.05 -24.49 10.95
N ARG A 70 51.58 -23.33 11.36
CA ARG A 70 53.04 -23.18 11.47
C ARG A 70 53.62 -24.14 12.50
N ARG A 71 53.00 -24.22 13.68
CA ARG A 71 53.55 -25.05 14.74
C ARG A 71 53.52 -26.55 14.41
N ALA A 72 52.60 -26.97 13.56
CA ALA A 72 52.52 -28.38 13.18
C ALA A 72 53.45 -28.69 12.01
N SER A 73 53.75 -27.67 11.20
CA SER A 73 54.45 -27.88 9.92
C SER A 73 55.94 -27.57 9.98
N GLU A 74 56.27 -26.45 10.60
CA GLU A 74 57.66 -26.00 10.70
C GLU A 74 58.61 -27.02 11.33
N PRO A 75 58.20 -27.70 12.43
CA PRO A 75 59.19 -28.59 13.04
C PRO A 75 59.50 -29.87 12.27
N ILE A 76 58.63 -30.28 11.36
CA ILE A 76 58.83 -31.55 10.63
C ILE A 76 59.23 -31.34 9.18
N ARG A 77 59.27 -30.07 8.79
CA ARG A 77 59.57 -29.70 7.42
C ARG A 77 60.96 -30.16 7.00
N GLN A 78 61.07 -30.72 5.79
CA GLN A 78 62.34 -31.25 5.30
C GLN A 78 63.11 -30.20 4.50
N GLY A 79 63.12 -28.98 5.02
CA GLY A 79 63.77 -27.88 4.33
C GLY A 79 63.32 -26.56 4.94
N ARG A 80 63.53 -25.49 4.18
CA ARG A 80 63.19 -24.15 4.63
C ARG A 80 62.90 -23.26 3.44
N GLY A 81 62.37 -22.08 3.69
CA GLY A 81 62.14 -21.13 2.61
C GLY A 81 60.78 -21.26 1.96
N PHE A 82 60.70 -20.85 0.70
CA PHE A 82 59.42 -20.60 0.08
C PHE A 82 59.23 -21.19 -1.31
N HIS A 83 60.18 -22.01 -1.76
CA HIS A 83 60.06 -22.61 -3.08
C HIS A 83 60.10 -24.13 -3.07
N ASP A 84 60.42 -24.75 -1.93
CA ASP A 84 60.32 -26.20 -1.87
C ASP A 84 60.07 -26.70 -0.46
N ALA A 85 60.11 -28.03 -0.28
CA ALA A 85 59.90 -28.63 1.03
C ALA A 85 58.57 -28.20 1.68
N TYR A 86 57.49 -28.18 0.90
CA TYR A 86 56.20 -27.77 1.44
C TYR A 86 55.66 -28.83 2.38
N VAL A 87 54.76 -28.42 3.27
CA VAL A 87 54.08 -29.39 4.13
C VAL A 87 52.59 -29.34 3.85
N TYR A 88 52.09 -30.38 3.21
CA TYR A 88 50.68 -30.45 2.86
C TYR A 88 49.85 -31.05 3.99
N PHE A 89 48.54 -30.83 3.94
CA PHE A 89 47.69 -31.32 5.03
C PHE A 89 47.71 -32.84 5.12
N ALA A 90 47.35 -33.55 4.06
CA ALA A 90 47.20 -35.01 4.22
C ALA A 90 47.81 -35.80 3.09
N SER A 91 48.03 -35.15 1.95
CA SER A 91 48.59 -35.83 0.80
C SER A 91 49.44 -34.90 -0.05
N VAL A 92 50.52 -35.42 -0.64
CA VAL A 92 51.39 -34.57 -1.47
C VAL A 92 50.99 -34.69 -2.92
N PRO A 93 50.53 -33.59 -3.53
CA PRO A 93 50.09 -33.61 -4.93
C PRO A 93 51.26 -33.71 -5.90
N GLU A 94 50.98 -34.08 -7.15
CA GLU A 94 52.05 -34.33 -8.10
C GLU A 94 52.72 -33.05 -8.60
N ASN A 95 52.18 -31.89 -8.25
CA ASN A 95 52.81 -30.64 -8.64
C ASN A 95 53.62 -30.03 -7.50
N ALA A 96 53.74 -30.77 -6.40
CA ALA A 96 54.53 -30.31 -5.26
C ALA A 96 56.02 -30.26 -5.59
N PRO A 97 56.71 -29.27 -5.02
CA PRO A 97 58.17 -29.17 -5.22
C PRO A 97 58.94 -30.26 -4.46
N PRO A 98 60.24 -30.40 -4.74
CA PRO A 98 61.03 -31.45 -4.08
C PRO A 98 60.97 -31.40 -2.56
N ASN A 99 61.11 -32.55 -1.91
CA ASN A 99 61.17 -32.66 -0.45
C ASN A 99 59.90 -32.26 0.26
N SER A 100 58.78 -32.21 -0.46
CA SER A 100 57.50 -31.93 0.18
C SER A 100 56.99 -33.18 0.89
N ILE A 101 56.31 -32.96 2.01
CA ILE A 101 55.72 -34.00 2.83
C ILE A 101 54.31 -33.61 3.23
N ALA A 102 53.63 -34.53 3.90
CA ALA A 102 52.34 -34.21 4.49
C ALA A 102 52.40 -34.41 5.99
N LEU A 103 51.47 -33.77 6.70
CA LEU A 103 51.35 -33.96 8.14
C LEU A 103 51.09 -35.43 8.45
N PRO A 104 51.64 -35.91 9.57
CA PRO A 104 51.32 -37.26 10.05
C PRO A 104 49.87 -37.31 10.52
N PRO A 105 49.26 -38.52 10.54
CA PRO A 105 47.83 -38.67 10.88
C PRO A 105 47.41 -37.94 12.16
N GLN A 106 48.19 -38.04 13.23
CA GLN A 106 47.80 -37.41 14.49
C GLN A 106 47.79 -35.89 14.38
N ALA A 107 48.80 -35.34 13.70
CA ALA A 107 48.85 -33.90 13.45
C ALA A 107 47.71 -33.46 12.55
N GLN A 108 47.34 -34.30 11.57
CA GLN A 108 46.19 -33.97 10.72
C GLN A 108 44.96 -33.73 11.57
N SER A 109 44.68 -34.67 12.48
CA SER A 109 43.50 -34.57 13.32
C SER A 109 43.54 -33.33 14.22
N GLU A 110 44.70 -33.05 14.81
CA GLU A 110 44.82 -31.92 15.72
C GLU A 110 44.67 -30.60 14.98
N VAL A 111 45.34 -30.49 13.84
CA VAL A 111 45.26 -29.26 13.04
C VAL A 111 43.83 -29.01 12.55
N GLN A 112 43.16 -30.05 12.06
CA GLN A 112 41.84 -29.85 11.51
C GLN A 112 40.82 -29.49 12.60
N ALA A 113 40.95 -30.10 13.77
CA ALA A 113 40.01 -29.80 14.84
C ALA A 113 40.13 -28.33 15.24
N LYS A 114 41.35 -27.87 15.39
CA LYS A 114 41.59 -26.49 15.80
C LYS A 114 41.15 -25.53 14.72
N LEU A 115 41.48 -25.83 13.46
CA LEU A 115 41.10 -24.94 12.36
C LEU A 115 39.57 -24.89 12.22
N THR A 116 38.92 -26.02 12.49
CA THR A 116 37.46 -26.07 12.39
C THR A 116 36.86 -25.20 13.47
N GLU A 117 37.40 -25.26 14.68
CA GLU A 117 36.93 -24.38 15.75
C GLU A 117 37.09 -22.92 15.40
N LEU A 118 38.25 -22.59 14.83
CA LEU A 118 38.56 -21.22 14.49
C LEU A 118 37.65 -20.75 13.36
N MSE A 119 37.43 -21.63 12.38
CA MSE A 119 36.54 -21.30 11.28
C MSE A 119 35.12 -21.06 11.79
O MSE A 119 34.44 -20.16 11.30
CB MSE A 119 36.55 -22.40 10.21
CG MSE A 119 35.89 -22.01 8.87
SE MSE A 119 36.67 -20.48 7.95
CE MSE A 119 35.09 -19.33 7.79
N GLN A 120 34.68 -21.83 12.79
CA GLN A 120 33.36 -21.62 13.35
CA GLN A 120 33.36 -21.63 13.37
C GLN A 120 33.27 -20.25 14.00
N LYS A 121 34.33 -19.85 14.69
CA LYS A 121 34.31 -18.53 15.31
C LYS A 121 34.21 -17.45 14.24
N LEU A 122 34.93 -17.63 13.13
CA LEU A 122 34.87 -16.66 12.03
C LEU A 122 33.50 -16.59 11.40
N ALA A 123 32.90 -17.76 11.18
CA ALA A 123 31.58 -17.82 10.57
C ALA A 123 30.56 -17.15 11.47
N ASN A 124 30.73 -17.27 12.78
CA ASN A 124 29.80 -16.63 13.71
C ASN A 124 29.93 -15.10 13.71
N ARG A 125 31.13 -14.60 13.42
CA ARG A 125 31.34 -13.16 13.34
C ARG A 125 30.80 -12.58 12.03
N ASN A 126 30.93 -13.35 10.95
CA ASN A 126 30.46 -12.90 9.64
C ASN A 126 29.70 -14.01 8.95
N PRO A 127 28.50 -14.34 9.44
CA PRO A 127 27.75 -15.45 8.83
C PRO A 127 27.36 -15.16 7.39
N GLN A 128 26.97 -13.91 7.06
CA GLN A 128 26.59 -13.61 5.69
C GLN A 128 27.80 -13.80 4.76
N GLY A 129 28.98 -13.37 5.21
CA GLY A 129 30.18 -13.47 4.39
C GLY A 129 30.57 -14.91 4.13
N VAL A 130 30.45 -15.73 5.16
CA VAL A 130 30.80 -17.14 4.97
C VAL A 130 29.77 -17.88 4.13
N ALA A 131 28.50 -17.57 4.32
CA ALA A 131 27.43 -18.17 3.53
C ALA A 131 27.61 -17.84 2.05
N GLU A 132 28.00 -16.60 1.78
CA GLU A 132 28.23 -16.17 0.40
C GLU A 132 29.36 -16.96 -0.22
N GLU A 133 30.40 -17.25 0.57
CA GLU A 133 31.50 -18.04 0.05
C GLU A 133 31.03 -19.45 -0.22
N GLU A 134 30.20 -20.00 0.66
CA GLU A 134 29.68 -21.34 0.43
C GLU A 134 28.84 -21.37 -0.85
N GLN A 135 28.08 -20.30 -1.09
CA GLN A 135 27.31 -20.17 -2.33
C GLN A 135 28.24 -20.09 -3.55
N GLU A 136 29.29 -19.28 -3.45
CA GLU A 136 30.25 -19.12 -4.53
C GLU A 136 30.98 -20.43 -4.83
N LEU A 137 31.32 -21.17 -3.77
CA LEU A 137 32.01 -22.44 -3.95
C LEU A 137 31.13 -23.44 -4.70
N ALA A 138 29.82 -23.33 -4.50
CA ALA A 138 28.88 -24.17 -5.23
C ALA A 138 28.60 -23.59 -6.61
N ASP B 17 13.27 -5.63 5.47
CA ASP B 17 12.23 -6.66 5.56
C ASP B 17 12.86 -7.98 5.97
N TYR B 18 13.26 -8.06 7.24
CA TYR B 18 14.00 -9.22 7.70
C TYR B 18 13.14 -10.48 7.72
N ALA B 19 11.87 -10.35 8.09
CA ALA B 19 10.97 -11.49 8.07
C ALA B 19 10.82 -12.02 6.64
N GLY B 20 10.77 -11.10 5.67
CA GLY B 20 10.71 -11.48 4.27
C GLY B 20 11.99 -12.22 3.88
N GLY B 21 13.12 -11.73 4.36
CA GLY B 21 14.39 -12.38 4.08
C GLY B 21 14.45 -13.81 4.58
N VAL B 22 13.89 -14.04 5.76
CA VAL B 22 13.83 -15.38 6.34
C VAL B 22 12.95 -16.29 5.47
N LEU B 23 11.81 -15.78 5.00
CA LEU B 23 10.97 -16.59 4.11
C LEU B 23 11.75 -16.98 2.86
N ALA B 24 12.53 -16.05 2.32
CA ALA B 24 13.29 -16.34 1.11
C ALA B 24 14.29 -17.46 1.38
N ILE B 25 14.91 -17.41 2.56
CA ILE B 25 15.88 -18.42 2.97
C ILE B 25 15.21 -19.78 3.13
N LEU B 26 14.07 -19.82 3.80
CA LEU B 26 13.37 -21.10 3.97
C LEU B 26 12.90 -21.68 2.65
N THR B 27 12.52 -20.82 1.72
CA THR B 27 12.09 -21.27 0.40
C THR B 27 13.24 -21.97 -0.29
N GLN B 28 14.43 -21.39 -0.20
CA GLN B 28 15.60 -22.01 -0.82
C GLN B 28 15.93 -23.33 -0.14
N TYR B 29 15.74 -23.38 1.17
CA TYR B 29 16.03 -24.60 1.93
C TYR B 29 15.06 -25.73 1.55
N PHE B 30 13.77 -25.43 1.54
CA PHE B 30 12.78 -26.45 1.23
C PHE B 30 12.86 -26.91 -0.23
N ASN B 31 13.47 -26.10 -1.08
CA ASN B 31 13.64 -26.46 -2.49
C ASN B 31 15.01 -27.07 -2.74
N ASN B 32 15.71 -27.39 -1.65
CA ASN B 32 16.99 -28.10 -1.71
C ASN B 32 18.07 -27.33 -2.45
N MSE B 33 18.03 -26.01 -2.37
CA MSE B 33 18.96 -25.10 -3.05
CA MSE B 33 19.04 -25.23 -3.08
C MSE B 33 20.09 -24.69 -2.11
O MSE B 33 21.19 -24.36 -2.53
CB MSE B 33 18.23 -23.84 -3.55
CB MSE B 33 18.41 -24.08 -3.87
CG MSE B 33 17.07 -24.08 -4.51
CG MSE B 33 17.79 -24.51 -5.19
SE MSE B 33 16.03 -22.46 -4.91
SE MSE B 33 19.00 -25.50 -6.39
CE MSE B 33 17.46 -21.31 -5.55
CE MSE B 33 18.34 -27.31 -6.10
N VAL B 34 19.76 -24.68 -0.83
CA VAL B 34 20.74 -24.34 0.20
CA VAL B 34 20.71 -24.31 0.22
C VAL B 34 20.64 -25.36 1.33
N GLY B 35 21.78 -25.84 1.81
CA GLY B 35 21.77 -26.81 2.88
C GLY B 35 22.31 -26.22 4.18
N TYR B 36 22.34 -27.06 5.21
CA TYR B 36 23.04 -26.74 6.46
C TYR B 36 24.52 -27.03 6.24
N PRO B 37 25.44 -26.17 6.73
CA PRO B 37 25.22 -25.03 7.63
C PRO B 37 24.93 -23.70 6.94
N GLU B 38 24.93 -23.64 5.60
CA GLU B 38 24.71 -22.34 4.93
C GLU B 38 23.36 -21.73 5.34
N VAL B 39 22.31 -22.53 5.38
CA VAL B 39 20.98 -22.01 5.72
C VAL B 39 20.99 -21.37 7.11
N SER B 40 21.75 -21.96 8.04
CA SER B 40 21.80 -21.48 9.41
C SER B 40 22.59 -20.18 9.51
N LEU B 41 23.63 -20.05 8.70
CA LEU B 41 24.38 -18.81 8.66
C LEU B 41 23.52 -17.68 8.10
N LYS B 42 22.75 -17.98 7.05
CA LYS B 42 21.89 -16.96 6.47
C LYS B 42 20.82 -16.53 7.48
N LEU B 43 20.24 -17.49 8.20
CA LEU B 43 19.24 -17.16 9.21
C LEU B 43 19.87 -16.35 10.35
N ALA B 44 21.08 -16.72 10.76
CA ALA B 44 21.80 -15.97 11.79
C ALA B 44 22.08 -14.55 11.32
N GLY B 45 22.30 -14.36 10.01
CA GLY B 45 22.48 -13.03 9.45
C GLY B 45 21.24 -12.19 9.70
N GLU B 46 20.07 -12.77 9.45
CA GLU B 46 18.81 -12.06 9.70
C GLU B 46 18.55 -11.86 11.19
N GLU B 47 18.92 -12.86 11.98
CA GLU B 47 18.78 -12.78 13.44
C GLU B 47 19.56 -11.58 13.98
N ALA B 48 20.75 -11.35 13.42
CA ALA B 48 21.56 -10.20 13.82
C ALA B 48 20.90 -8.90 13.40
N ASN B 49 20.31 -8.88 12.20
CA ASN B 49 19.62 -7.68 11.72
C ASN B 49 18.49 -7.31 12.67
N MSE B 50 17.72 -8.33 13.07
CA MSE B 50 16.54 -8.11 13.90
C MSE B 50 16.94 -7.64 15.28
O MSE B 50 16.32 -6.74 15.83
CB MSE B 50 15.73 -9.40 13.99
CG MSE B 50 15.10 -9.82 12.69
SE MSE B 50 14.63 -11.71 12.76
CE MSE B 50 13.43 -11.81 11.26
N SER B 51 17.96 -8.27 15.85
CA SER B 51 18.44 -7.91 17.18
C SER B 51 18.89 -6.45 17.26
N ARG B 52 19.60 -5.99 16.23
CA ARG B 52 20.11 -4.63 16.21
C ARG B 52 18.99 -3.60 16.10
N GLU B 53 17.86 -3.98 15.51
CA GLU B 53 16.73 -3.06 15.43
C GLU B 53 15.70 -3.32 16.53
N GLY B 54 16.08 -4.13 17.51
CA GLY B 54 15.27 -4.35 18.69
C GLY B 54 14.03 -5.19 18.45
N MSE B 55 14.05 -5.98 17.38
CA MSE B 55 12.93 -6.86 17.10
C MSE B 55 13.17 -8.21 17.78
O MSE B 55 13.48 -9.21 17.14
CB MSE B 55 12.74 -7.05 15.58
CG MSE B 55 12.48 -5.75 14.84
SE MSE B 55 12.72 -5.98 12.90
CE MSE B 55 12.29 -4.15 12.34
N ILE B 56 13.05 -8.21 19.10
CA ILE B 56 13.39 -9.36 19.91
C ILE B 56 12.49 -10.58 19.69
N ASN B 57 11.18 -10.36 19.56
CA ASN B 57 10.29 -11.48 19.26
C ASN B 57 10.70 -12.19 17.99
N GLN B 58 10.92 -11.41 16.94
CA GLN B 58 11.32 -11.99 15.65
C GLN B 58 12.69 -12.68 15.77
N LYS B 59 13.62 -12.06 16.47
CA LYS B 59 14.94 -12.67 16.69
C LYS B 59 14.80 -14.03 17.37
N GLU B 60 13.97 -14.09 18.41
CA GLU B 60 13.80 -15.33 19.14
C GLU B 60 13.18 -16.44 18.30
N ILE B 61 12.26 -16.07 17.41
CA ILE B 61 11.67 -17.05 16.51
C ILE B 61 12.72 -17.61 15.56
N VAL B 62 13.55 -16.74 14.99
CA VAL B 62 14.59 -17.20 14.05
C VAL B 62 15.63 -18.04 14.77
N HIS B 63 15.95 -17.70 16.02
CA HIS B 63 16.86 -18.52 16.84
C HIS B 63 16.31 -19.95 16.95
N GLN B 64 15.01 -20.07 17.16
CA GLN B 64 14.38 -21.39 17.26
C GLN B 64 14.48 -22.14 15.93
N MSE B 65 14.33 -21.43 14.81
CA MSE B 65 14.51 -22.05 13.50
C MSE B 65 15.90 -22.63 13.33
O MSE B 65 16.07 -23.75 12.83
CB MSE B 65 14.29 -21.03 12.39
CG MSE B 65 12.87 -20.53 12.29
SE MSE B 65 12.72 -19.25 10.84
CE MSE B 65 10.78 -19.06 10.83
N VAL B 66 16.90 -21.85 13.71
CA VAL B 66 18.27 -22.30 13.64
C VAL B 66 18.51 -23.56 14.48
N GLU B 67 18.03 -23.55 15.72
CA GLU B 67 18.19 -24.71 16.60
CA GLU B 67 18.24 -24.72 16.57
C GLU B 67 17.50 -25.93 16.01
N THR B 68 16.34 -25.70 15.41
CA THR B 68 15.56 -26.79 14.82
C THR B 68 16.36 -27.47 13.70
N ILE B 69 16.93 -26.66 12.81
CA ILE B 69 17.72 -27.20 11.71
C ILE B 69 19.01 -27.81 12.25
N ARG B 70 19.63 -27.15 13.22
CA ARG B 70 20.88 -27.67 13.78
C ARG B 70 20.68 -29.03 14.42
N ARG B 71 19.64 -29.17 15.25
CA ARG B 71 19.44 -30.41 15.99
C ARG B 71 19.14 -31.58 15.07
N ALA B 72 18.53 -31.30 13.92
CA ALA B 72 18.20 -32.34 12.95
C ALA B 72 19.39 -32.68 12.04
N SER B 73 20.29 -31.72 11.84
CA SER B 73 21.37 -31.83 10.85
C SER B 73 22.75 -32.21 11.39
N GLU B 74 23.18 -31.52 12.44
CA GLU B 74 24.53 -31.69 12.98
C GLU B 74 24.83 -33.14 13.41
N PRO B 75 23.91 -33.82 14.11
CA PRO B 75 24.30 -35.16 14.58
C PRO B 75 24.41 -36.22 13.49
N ILE B 76 23.83 -36.00 12.31
CA ILE B 76 23.89 -37.01 11.24
C ILE B 76 24.85 -36.62 10.13
N ARG B 77 25.44 -35.43 10.26
CA ARG B 77 26.29 -34.88 9.23
C ARG B 77 27.52 -35.74 8.93
N GLN B 78 27.81 -35.94 7.65
CA GLN B 78 28.96 -36.78 7.27
C GLN B 78 30.22 -35.96 7.14
N GLY B 79 30.44 -35.06 8.09
CA GLY B 79 31.59 -34.20 8.06
C GLY B 79 31.41 -33.08 9.05
N ARG B 80 32.23 -32.06 8.93
CA ARG B 80 32.21 -30.95 9.86
C ARG B 80 32.74 -29.72 9.13
N GLY B 81 32.57 -28.55 9.73
CA GLY B 81 33.12 -27.36 9.14
C GLY B 81 32.16 -26.72 8.16
N PHE B 82 32.71 -26.02 7.19
CA PHE B 82 31.90 -25.11 6.40
C PHE B 82 32.11 -25.22 4.89
N HIS B 83 32.87 -26.20 4.43
CA HIS B 83 33.11 -26.28 2.99
C HIS B 83 32.64 -27.57 2.32
N ASP B 84 32.21 -28.55 3.11
CA ASP B 84 31.64 -29.75 2.50
C ASP B 84 30.66 -30.43 3.46
N ALA B 85 30.17 -31.62 3.09
CA ALA B 85 29.27 -32.39 3.94
C ALA B 85 28.03 -31.61 4.39
N TYR B 86 27.38 -30.93 3.46
CA TYR B 86 26.18 -30.17 3.77
C TYR B 86 25.03 -31.13 4.04
N VAL B 87 24.02 -30.66 4.78
CA VAL B 87 22.83 -31.47 5.01
C VAL B 87 21.64 -30.72 4.40
N TYR B 88 21.12 -31.24 3.31
CA TYR B 88 20.00 -30.62 2.60
C TYR B 88 18.68 -31.12 3.14
N PHE B 89 17.61 -30.42 2.83
CA PHE B 89 16.31 -30.78 3.39
C PHE B 89 15.80 -32.15 2.90
N ALA B 90 15.69 -32.34 1.59
CA ALA B 90 15.07 -33.57 1.08
C ALA B 90 15.82 -34.20 -0.07
N SER B 91 16.65 -33.42 -0.73
CA SER B 91 17.41 -33.95 -1.86
C SER B 91 18.74 -33.25 -2.01
N VAL B 92 19.76 -33.98 -2.44
CA VAL B 92 21.08 -33.38 -2.64
C VAL B 92 21.27 -32.93 -4.08
N PRO B 93 21.45 -31.62 -4.28
CA PRO B 93 21.59 -31.09 -5.64
C PRO B 93 22.95 -31.45 -6.25
N GLU B 94 23.07 -31.33 -7.56
CA GLU B 94 24.27 -31.74 -8.25
C GLU B 94 25.44 -30.80 -8.04
N ASN B 95 25.20 -29.64 -7.42
CA ASN B 95 26.31 -28.74 -7.11
C ASN B 95 26.77 -28.86 -5.66
N ALA B 96 26.22 -29.82 -4.93
CA ALA B 96 26.59 -30.00 -3.53
C ALA B 96 28.03 -30.47 -3.40
N PRO B 97 28.73 -30.03 -2.35
CA PRO B 97 30.10 -30.47 -2.10
C PRO B 97 30.13 -31.93 -1.67
N PRO B 98 31.32 -32.54 -1.63
CA PRO B 98 31.42 -33.96 -1.25
C PRO B 98 30.77 -34.28 0.10
N ASN B 99 30.30 -35.52 0.23
CA ASN B 99 29.76 -36.05 1.48
C ASN B 99 28.48 -35.37 1.94
N SER B 100 27.81 -34.67 1.02
CA SER B 100 26.53 -34.06 1.37
C SER B 100 25.41 -35.12 1.40
N ILE B 101 24.44 -34.90 2.28
CA ILE B 101 23.31 -35.79 2.45
C ILE B 101 22.02 -35.00 2.57
N ALA B 102 20.90 -35.70 2.62
CA ALA B 102 19.60 -35.04 2.89
C ALA B 102 18.99 -35.62 4.16
N LEU B 103 18.10 -34.87 4.80
CA LEU B 103 17.38 -35.39 5.96
C LEU B 103 16.58 -36.62 5.59
N PRO B 104 16.53 -37.60 6.51
CA PRO B 104 15.64 -38.75 6.28
C PRO B 104 14.20 -38.29 6.32
N PRO B 105 13.29 -39.04 5.67
CA PRO B 105 11.89 -38.65 5.50
C PRO B 105 11.18 -38.22 6.79
N GLN B 106 11.36 -38.94 7.89
CA GLN B 106 10.67 -38.57 9.13
C GLN B 106 11.18 -37.23 9.65
N ALA B 107 12.49 -37.03 9.57
CA ALA B 107 13.11 -35.77 9.98
C ALA B 107 12.62 -34.62 9.11
N GLN B 108 12.43 -34.87 7.81
CA GLN B 108 11.89 -33.85 6.93
C GLN B 108 10.54 -33.35 7.42
N SER B 109 9.65 -34.29 7.70
CA SER B 109 8.31 -33.97 8.16
C SER B 109 8.36 -33.21 9.47
N GLU B 110 9.23 -33.64 10.37
CA GLU B 110 9.32 -33.00 11.69
C GLU B 110 9.87 -31.57 11.57
N VAL B 111 10.95 -31.41 10.81
CA VAL B 111 11.58 -30.11 10.61
C VAL B 111 10.64 -29.16 9.89
N GLN B 112 9.97 -29.65 8.84
CA GLN B 112 9.10 -28.76 8.10
C GLN B 112 7.90 -28.33 8.92
N ALA B 113 7.34 -29.22 9.75
CA ALA B 113 6.20 -28.86 10.59
C ALA B 113 6.60 -27.75 11.56
N LYS B 114 7.77 -27.90 12.17
CA LYS B 114 8.26 -26.91 13.13
C LYS B 114 8.61 -25.59 12.46
N LEU B 115 9.33 -25.64 11.35
CA LEU B 115 9.71 -24.42 10.67
C LEU B 115 8.50 -23.66 10.15
N THR B 116 7.47 -24.39 9.72
CA THR B 116 6.26 -23.76 9.21
C THR B 116 5.52 -23.06 10.35
N GLU B 117 5.44 -23.70 11.51
CA GLU B 117 4.81 -23.10 12.70
C GLU B 117 5.52 -21.81 13.08
N LEU B 118 6.86 -21.86 13.02
CA LEU B 118 7.69 -20.71 13.37
C LEU B 118 7.52 -19.60 12.34
N MSE B 119 7.47 -19.98 11.06
CA MSE B 119 7.25 -18.99 10.00
C MSE B 119 5.91 -18.28 10.18
O MSE B 119 5.80 -17.09 9.91
CB MSE B 119 7.32 -19.64 8.62
CG MSE B 119 7.36 -18.64 7.45
SE MSE B 119 8.95 -17.49 7.43
CE MSE B 119 8.06 -15.78 7.45
N GLN B 120 4.87 -19.02 10.59
CA GLN B 120 3.57 -18.41 10.86
C GLN B 120 3.66 -17.38 11.95
N LYS B 121 4.44 -17.67 12.99
CA LYS B 121 4.61 -16.74 14.10
C LYS B 121 5.31 -15.48 13.61
N LEU B 122 6.31 -15.66 12.75
CA LEU B 122 7.00 -14.53 12.18
C LEU B 122 6.06 -13.71 11.28
N ALA B 123 5.27 -14.38 10.46
CA ALA B 123 4.31 -13.68 9.58
C ALA B 123 3.24 -12.95 10.38
N ASN B 124 2.83 -13.50 11.52
CA ASN B 124 1.80 -12.81 12.31
C ASN B 124 2.37 -11.53 12.92
N ARG B 125 3.68 -11.52 13.17
CA ARG B 125 4.35 -10.33 13.69
C ARG B 125 4.57 -9.27 12.62
N ASN B 126 4.92 -9.71 11.42
CA ASN B 126 5.19 -8.76 10.34
C ASN B 126 4.47 -9.22 9.08
N PRO B 127 3.14 -9.14 9.07
CA PRO B 127 2.42 -9.64 7.90
C PRO B 127 2.72 -8.85 6.64
N GLN B 128 2.87 -7.53 6.74
CA GLN B 128 3.15 -6.73 5.56
C GLN B 128 4.48 -7.16 4.94
N GLY B 129 5.46 -7.44 5.79
CA GLY B 129 6.79 -7.82 5.34
C GLY B 129 6.80 -9.17 4.66
N VAL B 130 6.07 -10.12 5.23
CA VAL B 130 6.04 -11.46 4.63
C VAL B 130 5.22 -11.41 3.34
N ALA B 131 4.16 -10.63 3.32
CA ALA B 131 3.38 -10.51 2.07
C ALA B 131 4.21 -9.92 0.94
N GLU B 132 5.05 -8.94 1.29
CA GLU B 132 5.91 -8.27 0.31
C GLU B 132 6.91 -9.25 -0.27
N GLU B 133 7.40 -10.16 0.57
CA GLU B 133 8.33 -11.16 0.08
C GLU B 133 7.61 -12.12 -0.86
N GLU B 134 6.37 -12.46 -0.53
CA GLU B 134 5.60 -13.34 -1.40
C GLU B 134 5.40 -12.69 -2.76
N GLN B 135 5.22 -11.38 -2.76
CA GLN B 135 5.14 -10.62 -4.01
C GLN B 135 6.44 -10.70 -4.80
N GLU B 136 7.55 -10.51 -4.10
CA GLU B 136 8.88 -10.54 -4.72
C GLU B 136 9.20 -11.90 -5.30
N LEU B 137 8.81 -12.96 -4.58
CA LEU B 137 9.07 -14.31 -5.07
C LEU B 137 8.29 -14.58 -6.35
N ALA B 138 7.13 -13.94 -6.48
CA ALA B 138 6.29 -14.09 -7.68
C ALA B 138 6.82 -13.23 -8.82
N THR B 139 7.59 -12.20 -8.47
CA THR B 139 8.10 -11.24 -9.45
C THR B 139 9.62 -11.27 -9.53
N ASP C 17 -5.80 5.73 5.35
CA ASP C 17 -7.00 5.28 4.64
C ASP C 17 -7.01 3.75 4.61
N TYR C 18 -7.20 3.15 5.77
CA TYR C 18 -7.04 1.71 5.90
C TYR C 18 -8.17 1.00 5.19
N ALA C 19 -9.38 1.54 5.26
CA ALA C 19 -10.52 0.97 4.56
C ALA C 19 -10.28 0.94 3.05
N GLY C 20 -9.68 2.01 2.52
CA GLY C 20 -9.31 2.06 1.13
C GLY C 20 -8.27 1.01 0.82
N GLY C 21 -7.32 0.81 1.73
CA GLY C 21 -6.31 -0.21 1.56
C GLY C 21 -6.93 -1.59 1.43
N VAL C 22 -7.97 -1.83 2.22
CA VAL C 22 -8.69 -3.10 2.14
C VAL C 22 -9.34 -3.28 0.78
N LEU C 23 -9.96 -2.23 0.24
CA LEU C 23 -10.57 -2.31 -1.08
C LEU C 23 -9.52 -2.69 -2.12
N ALA C 24 -8.35 -2.09 -2.01
CA ALA C 24 -7.28 -2.38 -2.98
C ALA C 24 -6.88 -3.85 -2.90
N ILE C 25 -6.82 -4.39 -1.68
CA ILE C 25 -6.44 -5.79 -1.47
C ILE C 25 -7.50 -6.72 -2.06
N LEU C 26 -8.77 -6.43 -1.77
CA LEU C 26 -9.84 -7.28 -2.30
C LEU C 26 -9.88 -7.23 -3.82
N THR C 27 -9.57 -6.07 -4.40
CA THR C 27 -9.54 -5.93 -5.85
C THR C 27 -8.50 -6.87 -6.44
N GLN C 28 -7.32 -6.89 -5.84
CA GLN C 28 -6.27 -7.77 -6.30
C GLN C 28 -6.66 -9.24 -6.14
N TYR C 29 -7.38 -9.53 -5.06
CA TYR C 29 -7.81 -10.91 -4.80
C TYR C 29 -8.83 -11.37 -5.83
N PHE C 30 -9.84 -10.54 -6.07
CA PHE C 30 -10.89 -10.88 -7.02
C PHE C 30 -10.37 -10.93 -8.46
N ASN C 31 -9.25 -10.26 -8.71
CA ASN C 31 -8.64 -10.28 -10.04
C ASN C 31 -7.54 -11.33 -10.13
N ASN C 32 -7.48 -12.21 -9.13
CA ASN C 32 -6.57 -13.36 -9.14
C ASN C 32 -5.09 -12.96 -9.21
N MSE C 33 -4.76 -11.78 -8.70
CA MSE C 33 -3.35 -11.41 -8.72
CA MSE C 33 -3.40 -11.23 -8.66
C MSE C 33 -2.69 -11.62 -7.36
O MSE C 33 -1.47 -11.65 -7.26
CB MSE C 33 -3.16 -9.95 -9.18
CB MSE C 33 -3.41 -9.70 -8.78
CG MSE C 33 -3.32 -9.76 -10.70
CG MSE C 33 -4.07 -9.11 -10.04
SE MSE C 33 -2.29 -11.01 -11.81
SE MSE C 33 -4.37 -7.15 -9.91
CE MSE C 33 -0.49 -10.54 -11.25
CE MSE C 33 -2.53 -6.57 -9.63
N VAL C 34 -3.51 -11.85 -6.33
CA VAL C 34 -3.02 -12.20 -4.99
CA VAL C 34 -2.99 -12.24 -5.03
C VAL C 34 -3.84 -13.36 -4.46
N GLY C 35 -3.19 -14.40 -3.94
CA GLY C 35 -3.94 -15.51 -3.40
C GLY C 35 -3.83 -15.58 -1.90
N TYR C 36 -4.46 -16.59 -1.32
CA TYR C 36 -4.27 -16.97 0.07
C TYR C 36 -2.97 -17.79 0.17
N PRO C 37 -2.14 -17.56 1.20
CA PRO C 37 -2.33 -16.71 2.38
C PRO C 37 -1.89 -15.26 2.24
N GLU C 38 -1.34 -14.88 1.08
CA GLU C 38 -0.85 -13.51 0.97
C GLU C 38 -1.96 -12.48 1.24
N VAL C 39 -3.14 -12.72 0.70
CA VAL C 39 -4.26 -11.79 0.87
C VAL C 39 -4.62 -11.62 2.36
N SER C 40 -4.52 -12.69 3.13
CA SER C 40 -4.86 -12.62 4.55
C SER C 40 -3.80 -11.87 5.35
N LEU C 41 -2.54 -12.01 4.94
CA LEU C 41 -1.47 -11.25 5.57
C LEU C 41 -1.65 -9.77 5.27
N LYS C 42 -2.00 -9.45 4.03
CA LYS C 42 -2.20 -8.04 3.68
C LYS C 42 -3.37 -7.47 4.48
N LEU C 43 -4.46 -8.23 4.61
CA LEU C 43 -5.61 -7.76 5.40
C LEU C 43 -5.27 -7.62 6.87
N ALA C 44 -4.48 -8.56 7.39
CA ALA C 44 -4.08 -8.51 8.79
C ALA C 44 -3.24 -7.27 9.07
N GLY C 45 -2.45 -6.86 8.08
CA GLY C 45 -1.67 -5.64 8.18
C GLY C 45 -2.58 -4.44 8.40
N GLU C 46 -3.67 -4.39 7.65
CA GLU C 46 -4.63 -3.29 7.80
C GLU C 46 -5.37 -3.40 9.11
N GLU C 47 -5.67 -4.63 9.52
CA GLU C 47 -6.35 -4.87 10.77
C GLU C 47 -5.55 -4.27 11.94
N ALA C 48 -4.24 -4.42 11.88
CA ALA C 48 -3.34 -3.87 12.90
C ALA C 48 -3.32 -2.34 12.87
N ASN C 49 -3.29 -1.78 11.67
CA ASN C 49 -3.34 -0.33 11.48
C ASN C 49 -4.61 0.24 12.09
N MSE C 50 -5.73 -0.45 11.86
CA MSE C 50 -7.02 -0.01 12.38
C MSE C 50 -7.10 -0.12 13.89
O MSE C 50 -7.58 0.80 14.57
CB MSE C 50 -8.17 -0.81 11.77
CG MSE C 50 -8.35 -0.58 10.28
SE MSE C 50 -9.36 -2.04 9.48
CE MSE C 50 -9.70 -1.22 7.73
N SER C 51 -6.65 -1.25 14.41
CA SER C 51 -6.63 -1.47 15.84
C SER C 51 -5.79 -0.40 16.53
N ARG C 52 -4.63 -0.12 15.94
CA ARG C 52 -3.70 0.87 16.49
C ARG C 52 -4.34 2.24 16.69
N GLU C 53 -5.20 2.64 15.76
CA GLU C 53 -5.90 3.92 15.91
C GLU C 53 -7.27 3.79 16.53
N GLY C 54 -7.57 2.62 17.08
CA GLY C 54 -8.79 2.42 17.81
C GLY C 54 -10.03 2.37 16.91
N MSE C 55 -9.84 1.99 15.65
CA MSE C 55 -10.99 1.81 14.77
C MSE C 55 -11.50 0.38 14.89
O MSE C 55 -11.29 -0.45 14.00
CB MSE C 55 -10.62 2.14 13.32
CG MSE C 55 -10.08 3.54 13.12
SE MSE C 55 -9.28 3.75 11.33
CE MSE C 55 -8.82 5.65 11.43
N ILE C 56 -12.15 0.09 16.02
CA ILE C 56 -12.51 -1.27 16.40
C ILE C 56 -13.55 -1.88 15.47
N ASN C 57 -14.54 -1.09 15.09
CA ASN C 57 -15.55 -1.58 14.15
C ASN C 57 -14.93 -2.04 12.84
N GLN C 58 -14.07 -1.22 12.25
CA GLN C 58 -13.38 -1.60 11.01
C GLN C 58 -12.50 -2.83 11.22
N LYS C 59 -11.78 -2.88 12.33
CA LYS C 59 -10.93 -4.06 12.62
C LYS C 59 -11.72 -5.36 12.61
N GLU C 60 -12.87 -5.34 13.29
CA GLU C 60 -13.71 -6.52 13.40
C GLU C 60 -14.25 -6.95 12.05
N ILE C 61 -14.58 -5.99 11.19
CA ILE C 61 -15.03 -6.33 9.84
C ILE C 61 -13.92 -7.03 9.05
N VAL C 62 -12.72 -6.49 9.09
CA VAL C 62 -11.61 -7.10 8.35
C VAL C 62 -11.29 -8.48 8.93
N HIS C 63 -11.40 -8.65 10.24
CA HIS C 63 -11.23 -9.96 10.86
C HIS C 63 -12.19 -10.98 10.27
N GLN C 64 -13.45 -10.57 10.05
CA GLN C 64 -14.44 -11.46 9.43
C GLN C 64 -14.07 -11.79 7.98
N MSE C 65 -13.48 -10.83 7.27
CA MSE C 65 -12.98 -11.08 5.91
C MSE C 65 -11.90 -12.14 5.89
O MSE C 65 -11.91 -13.05 5.07
CB MSE C 65 -12.44 -9.80 5.28
CG MSE C 65 -13.47 -8.72 5.04
SE MSE C 65 -12.57 -7.18 4.27
CE MSE C 65 -14.14 -6.12 3.79
N VAL C 66 -10.93 -12.00 6.79
CA VAL C 66 -9.84 -12.98 6.91
C VAL C 66 -10.40 -14.37 7.24
N GLU C 67 -11.32 -14.44 8.18
CA GLU C 67 -11.95 -15.73 8.50
C GLU C 67 -12.69 -16.33 7.31
N THR C 68 -13.37 -15.49 6.55
CA THR C 68 -14.12 -15.94 5.38
C THR C 68 -13.20 -16.59 4.36
N ILE C 69 -12.08 -15.93 4.07
CA ILE C 69 -11.15 -16.47 3.10
C ILE C 69 -10.45 -17.72 3.63
N ARG C 70 -10.10 -17.73 4.92
CA ARG C 70 -9.45 -18.90 5.51
C ARG C 70 -10.33 -20.14 5.46
N ARG C 71 -11.60 -19.98 5.84
CA ARG C 71 -12.51 -21.12 5.93
C ARG C 71 -12.77 -21.73 4.55
N ALA C 72 -12.68 -20.92 3.51
CA ALA C 72 -12.87 -21.43 2.15
C ALA C 72 -11.59 -22.02 1.56
N SER C 73 -10.43 -21.55 2.03
CA SER C 73 -9.15 -21.87 1.38
C SER C 73 -8.38 -22.99 2.08
N GLU C 74 -8.27 -22.88 3.41
CA GLU C 74 -7.47 -23.83 4.20
C GLU C 74 -7.88 -25.30 3.99
N PRO C 75 -9.20 -25.61 3.99
CA PRO C 75 -9.51 -27.05 3.89
C PRO C 75 -9.19 -27.68 2.53
N ILE C 76 -9.07 -26.88 1.48
CA ILE C 76 -8.83 -27.45 0.16
C ILE C 76 -7.39 -27.23 -0.29
N ARG C 77 -6.62 -26.50 0.51
CA ARG C 77 -5.25 -26.14 0.13
C ARG C 77 -4.37 -27.37 -0.08
N GLN C 78 -3.59 -27.37 -1.16
CA GLN C 78 -2.74 -28.51 -1.48
C GLN C 78 -1.32 -28.33 -0.92
N GLY C 79 -1.23 -27.88 0.32
CA GLY C 79 0.05 -27.61 0.94
C GLY C 79 -0.14 -26.80 2.21
N ARG C 80 0.94 -26.18 2.66
CA ARG C 80 0.96 -25.39 3.89
C ARG C 80 2.06 -24.36 3.76
N GLY C 81 2.11 -23.42 4.69
CA GLY C 81 3.20 -22.46 4.76
C GLY C 81 2.99 -21.21 3.95
N PHE C 82 4.09 -20.59 3.53
CA PHE C 82 3.98 -19.24 2.96
C PHE C 82 4.70 -19.03 1.65
N HIS C 83 5.24 -20.08 1.02
CA HIS C 83 5.93 -19.86 -0.24
C HIS C 83 5.36 -20.65 -1.41
N ASP C 84 4.41 -21.55 -1.18
CA ASP C 84 3.75 -22.23 -2.29
C ASP C 84 2.33 -22.69 -1.92
N ALA C 85 1.71 -23.45 -2.81
CA ALA C 85 0.37 -23.98 -2.60
C ALA C 85 -0.64 -22.88 -2.27
N TYR C 86 -0.59 -21.76 -3.00
CA TYR C 86 -1.52 -20.67 -2.76
C TYR C 86 -2.93 -21.06 -3.19
N VAL C 87 -3.93 -20.37 -2.63
CA VAL C 87 -5.30 -20.59 -3.05
C VAL C 87 -5.85 -19.30 -3.60
N TYR C 88 -6.03 -19.25 -4.91
CA TYR C 88 -6.53 -18.05 -5.57
C TYR C 88 -8.05 -18.03 -5.64
N PHE C 89 -8.61 -16.87 -5.91
CA PHE C 89 -10.06 -16.73 -5.91
C PHE C 89 -10.75 -17.55 -7.02
N ALA C 90 -10.35 -17.33 -8.28
CA ALA C 90 -11.06 -17.97 -9.39
C ALA C 90 -10.16 -18.54 -10.48
N SER C 91 -8.92 -18.07 -10.52
CA SER C 91 -7.98 -18.52 -11.54
C SER C 91 -6.55 -18.48 -11.03
N VAL C 92 -5.74 -19.44 -11.44
CA VAL C 92 -4.34 -19.47 -10.99
C VAL C 92 -3.47 -18.77 -12.02
N PRO C 93 -2.81 -17.66 -11.61
CA PRO C 93 -1.98 -16.91 -12.56
C PRO C 93 -0.68 -17.64 -12.90
N GLU C 94 -0.04 -17.23 -13.98
CA GLU C 94 1.16 -17.91 -14.45
C GLU C 94 2.36 -17.62 -13.56
N ASN C 95 2.22 -16.71 -12.61
CA ASN C 95 3.32 -16.47 -11.67
C ASN C 95 3.09 -17.19 -10.34
N ALA C 96 2.05 -18.01 -10.26
CA ALA C 96 1.76 -18.74 -9.03
C ALA C 96 2.81 -19.81 -8.74
N PRO C 97 3.12 -20.02 -7.45
CA PRO C 97 4.09 -21.05 -7.08
C PRO C 97 3.49 -22.45 -7.24
N PRO C 98 4.33 -23.49 -7.16
CA PRO C 98 3.80 -24.86 -7.31
C PRO C 98 2.62 -25.21 -6.38
N ASN C 99 1.78 -26.12 -6.87
CA ASN C 99 0.64 -26.67 -6.12
C ASN C 99 -0.44 -25.66 -5.77
N SER C 100 -0.45 -24.53 -6.46
CA SER C 100 -1.48 -23.53 -6.27
C SER C 100 -2.77 -23.95 -6.97
N ILE C 101 -3.90 -23.60 -6.36
CA ILE C 101 -5.24 -23.91 -6.86
C ILE C 101 -6.14 -22.67 -6.76
N ALA C 102 -7.35 -22.77 -7.30
CA ALA C 102 -8.36 -21.73 -7.12
C ALA C 102 -9.59 -22.33 -6.46
N LEU C 103 -10.40 -21.48 -5.83
CA LEU C 103 -11.64 -21.92 -5.23
C LEU C 103 -12.54 -22.56 -6.27
N PRO C 104 -13.30 -23.59 -5.87
CA PRO C 104 -14.32 -24.14 -6.76
C PRO C 104 -15.41 -23.09 -7.01
N PRO C 105 -16.17 -23.23 -8.12
CA PRO C 105 -17.15 -22.22 -8.54
C PRO C 105 -18.13 -21.76 -7.45
N GLN C 106 -18.67 -22.72 -6.72
CA GLN C 106 -19.67 -22.40 -5.71
C GLN C 106 -19.02 -21.69 -4.51
N ALA C 107 -17.81 -22.09 -4.16
CA ALA C 107 -17.07 -21.42 -3.08
C ALA C 107 -16.80 -19.98 -3.48
N GLN C 108 -16.52 -19.75 -4.75
CA GLN C 108 -16.33 -18.39 -5.26
C GLN C 108 -17.53 -17.49 -4.98
N SER C 109 -18.73 -17.99 -5.32
CA SER C 109 -19.95 -17.21 -5.13
C SER C 109 -20.16 -16.86 -3.68
N GLU C 110 -19.95 -17.84 -2.79
CA GLU C 110 -20.17 -17.63 -1.37
C GLU C 110 -19.17 -16.65 -0.78
N VAL C 111 -17.91 -16.81 -1.13
CA VAL C 111 -16.86 -15.92 -0.65
C VAL C 111 -17.05 -14.51 -1.18
N GLN C 112 -17.35 -14.38 -2.47
CA GLN C 112 -17.52 -13.05 -3.03
C GLN C 112 -18.75 -12.35 -2.43
N ALA C 113 -19.84 -13.09 -2.22
CA ALA C 113 -21.04 -12.50 -1.64
C ALA C 113 -20.74 -12.00 -0.24
N LYS C 114 -20.05 -12.83 0.55
CA LYS C 114 -19.74 -12.47 1.93
C LYS C 114 -18.74 -11.31 2.02
N LEU C 115 -17.69 -11.35 1.21
CA LEU C 115 -16.68 -10.29 1.24
C LEU C 115 -17.28 -8.95 0.80
N THR C 116 -18.23 -8.99 -0.13
CA THR C 116 -18.87 -7.78 -0.63
C THR C 116 -19.75 -7.16 0.44
N GLU C 117 -20.48 -8.02 1.17
CA GLU C 117 -21.32 -7.55 2.28
C GLU C 117 -20.44 -6.86 3.31
N LEU C 118 -19.29 -7.47 3.59
CA LEU C 118 -18.36 -6.92 4.58
C LEU C 118 -17.75 -5.61 4.06
N MSE C 119 -17.42 -5.57 2.77
CA MSE C 119 -16.85 -4.35 2.20
C MSE C 119 -17.86 -3.20 2.27
O MSE C 119 -17.49 -2.05 2.47
CB MSE C 119 -16.42 -4.59 0.75
CG MSE C 119 -15.60 -3.46 0.13
SE MSE C 119 -13.88 -3.11 1.02
CE MSE C 119 -14.25 -1.26 1.48
N GLN C 120 -19.15 -3.53 2.10
CA GLN C 120 -20.20 -2.53 2.23
CA GLN C 120 -20.21 -2.54 2.24
C GLN C 120 -20.23 -1.96 3.65
N LYS C 121 -20.04 -2.83 4.64
CA LYS C 121 -20.04 -2.37 6.02
C LYS C 121 -18.87 -1.42 6.27
N LEU C 122 -17.70 -1.78 5.72
CA LEU C 122 -16.50 -0.97 5.84
C LEU C 122 -16.68 0.40 5.17
N ALA C 123 -17.26 0.38 3.98
CA ALA C 123 -17.48 1.61 3.24
C ALA C 123 -18.46 2.49 3.96
N ASN C 124 -19.43 1.90 4.63
CA ASN C 124 -20.39 2.74 5.34
C ASN C 124 -19.75 3.43 6.53
N ARG C 125 -18.74 2.81 7.12
CA ARG C 125 -18.00 3.40 8.25
C ARG C 125 -17.05 4.49 7.77
N ASN C 126 -16.42 4.26 6.62
CA ASN C 126 -15.49 5.25 6.10
C ASN C 126 -15.76 5.51 4.62
N PRO C 127 -16.87 6.20 4.33
CA PRO C 127 -17.22 6.42 2.92
C PRO C 127 -16.21 7.27 2.18
N GLN C 128 -15.68 8.31 2.80
CA GLN C 128 -14.72 9.16 2.12
C GLN C 128 -13.46 8.36 1.79
N GLY C 129 -13.05 7.51 2.70
CA GLY C 129 -11.85 6.72 2.51
C GLY C 129 -11.99 5.72 1.38
N VAL C 130 -13.15 5.08 1.29
CA VAL C 130 -13.35 4.11 0.22
C VAL C 130 -13.49 4.82 -1.13
N ALA C 131 -14.18 5.95 -1.14
CA ALA C 131 -14.33 6.73 -2.37
C ALA C 131 -12.97 7.19 -2.89
N GLU C 132 -12.10 7.59 -1.96
CA GLU C 132 -10.76 8.04 -2.32
C GLU C 132 -9.97 6.90 -2.95
N GLU C 133 -10.16 5.68 -2.46
CA GLU C 133 -9.48 4.54 -3.06
C GLU C 133 -10.01 4.28 -4.47
N GLU C 134 -11.32 4.42 -4.63
CA GLU C 134 -11.91 4.22 -5.96
C GLU C 134 -11.33 5.24 -6.92
N GLN C 135 -11.14 6.46 -6.45
CA GLN C 135 -10.49 7.51 -7.25
C GLN C 135 -9.06 7.13 -7.63
N GLU C 136 -8.29 6.66 -6.65
CA GLU C 136 -6.90 6.27 -6.90
C GLU C 136 -6.78 5.10 -7.88
N LEU C 137 -7.70 4.14 -7.75
CA LEU C 137 -7.70 2.98 -8.64
C LEU C 137 -7.99 3.41 -10.08
N ALA C 138 -8.74 4.49 -10.24
CA ALA C 138 -8.99 5.02 -11.58
C ALA C 138 -7.85 5.92 -12.01
N ASP D 17 -18.23 23.96 4.66
CA ASP D 17 -19.19 24.24 3.59
C ASP D 17 -19.69 22.96 2.96
N TYR D 18 -20.46 22.19 3.71
CA TYR D 18 -20.87 20.87 3.24
C TYR D 18 -21.81 20.95 2.05
N ALA D 19 -22.67 21.95 2.03
CA ALA D 19 -23.55 22.12 0.87
C ALA D 19 -22.75 22.36 -0.41
N GLY D 20 -21.67 23.12 -0.27
CA GLY D 20 -20.78 23.36 -1.39
C GLY D 20 -20.13 22.06 -1.85
N GLY D 21 -19.72 21.23 -0.90
CA GLY D 21 -19.08 19.96 -1.21
C GLY D 21 -20.02 19.07 -2.02
N VAL D 22 -21.29 19.11 -1.66
CA VAL D 22 -22.29 18.35 -2.38
C VAL D 22 -22.39 18.85 -3.82
N LEU D 23 -22.40 20.18 -4.00
CA LEU D 23 -22.44 20.72 -5.36
C LEU D 23 -21.24 20.22 -6.17
N ALA D 24 -20.08 20.20 -5.55
CA ALA D 24 -18.86 19.76 -6.26
C ALA D 24 -18.99 18.30 -6.67
N ILE D 25 -19.58 17.50 -5.79
CA ILE D 25 -19.78 16.08 -6.07
C ILE D 25 -20.75 15.89 -7.22
N LEU D 26 -21.87 16.63 -7.20
CA LEU D 26 -22.84 16.50 -8.28
C LEU D 26 -22.27 16.96 -9.61
N THR D 27 -21.42 17.98 -9.58
CA THR D 27 -20.79 18.49 -10.78
C THR D 27 -19.93 17.39 -11.42
N GLN D 28 -19.18 16.68 -10.58
CA GLN D 28 -18.36 15.58 -11.08
C GLN D 28 -19.24 14.45 -11.63
N TYR D 29 -20.37 14.22 -10.99
CA TYR D 29 -21.28 13.15 -11.41
C TYR D 29 -21.90 13.46 -12.77
N PHE D 30 -22.40 14.68 -12.93
CA PHE D 30 -23.06 15.06 -14.19
C PHE D 30 -22.06 15.15 -15.34
N ASN D 31 -20.78 15.33 -15.01
CA ASN D 31 -19.75 15.40 -16.04
C ASN D 31 -19.05 14.06 -16.25
N ASN D 32 -19.64 13.00 -15.68
CA ASN D 32 -19.20 11.63 -15.90
C ASN D 32 -17.78 11.37 -15.42
N MSE D 33 -17.37 12.09 -14.38
CA MSE D 33 -16.03 11.88 -13.86
CA MSE D 33 -16.04 11.97 -13.78
C MSE D 33 -16.06 10.94 -12.66
O MSE D 33 -15.09 10.24 -12.42
CB MSE D 33 -15.37 13.21 -13.50
CB MSE D 33 -15.55 13.33 -13.25
CG MSE D 33 -14.87 13.99 -14.72
CG MSE D 33 -15.44 14.45 -14.29
SE MSE D 33 -13.75 12.90 -15.92
SE MSE D 33 -15.13 16.24 -13.53
CE MSE D 33 -12.32 12.45 -14.68
CE MSE D 33 -13.50 15.88 -12.53
N VAL D 34 -17.19 10.90 -11.96
CA VAL D 34 -17.38 9.97 -10.84
CA VAL D 34 -17.35 9.93 -10.88
C VAL D 34 -18.67 9.18 -11.05
N GLY D 35 -18.64 7.87 -10.83
CA GLY D 35 -19.85 7.10 -10.99
C GLY D 35 -20.42 6.61 -9.66
N TYR D 36 -21.52 5.88 -9.74
CA TYR D 36 -22.04 5.11 -8.63
C TYR D 36 -21.25 3.79 -8.59
N PRO D 37 -20.84 3.31 -7.39
CA PRO D 37 -21.21 3.82 -6.05
C PRO D 37 -20.32 4.93 -5.48
N GLU D 38 -19.27 5.34 -6.18
CA GLU D 38 -18.39 6.35 -5.61
C GLU D 38 -19.13 7.63 -5.27
N VAL D 39 -20.01 8.08 -6.16
CA VAL D 39 -20.74 9.32 -5.92
C VAL D 39 -21.58 9.21 -4.64
N SER D 40 -22.13 8.04 -4.38
CA SER D 40 -22.98 7.86 -3.19
C SER D 40 -22.14 7.85 -1.93
N LEU D 41 -20.94 7.30 -2.01
CA LEU D 41 -20.03 7.32 -0.88
C LEU D 41 -19.62 8.75 -0.56
N LYS D 42 -19.30 9.52 -1.60
CA LYS D 42 -18.90 10.89 -1.35
C LYS D 42 -20.05 11.69 -0.73
N LEU D 43 -21.28 11.50 -1.22
CA LEU D 43 -22.45 12.20 -0.65
C LEU D 43 -22.68 11.78 0.80
N ALA D 44 -22.48 10.49 1.06
CA ALA D 44 -22.66 9.95 2.40
C ALA D 44 -21.66 10.56 3.36
N GLY D 45 -20.48 10.91 2.86
CA GLY D 45 -19.48 11.61 3.65
C GLY D 45 -19.97 12.98 4.10
N GLU D 46 -20.59 13.72 3.18
CA GLU D 46 -21.14 15.03 3.52
C GLU D 46 -22.33 14.88 4.43
N GLU D 47 -23.11 13.84 4.18
CA GLU D 47 -24.28 13.55 5.00
C GLU D 47 -23.87 13.39 6.47
N ALA D 48 -22.78 12.69 6.71
CA ALA D 48 -22.25 12.49 8.06
C ALA D 48 -21.73 13.80 8.65
N ASN D 49 -21.10 14.62 7.81
CA ASN D 49 -20.61 15.92 8.24
C ASN D 49 -21.77 16.79 8.74
N MSE D 50 -22.87 16.75 7.98
CA MSE D 50 -24.04 17.55 8.30
C MSE D 50 -24.74 17.05 9.56
O MSE D 50 -25.14 17.84 10.41
CB MSE D 50 -25.03 17.53 7.14
CG MSE D 50 -24.55 18.26 5.93
SE MSE D 50 -25.45 17.66 4.29
CE MSE D 50 -24.87 19.13 3.16
N SER D 51 -24.87 15.74 9.65
CA SER D 51 -25.54 15.14 10.82
C SER D 51 -24.79 15.49 12.10
N ARG D 52 -23.46 15.47 12.03
CA ARG D 52 -22.63 15.74 13.20
C ARG D 52 -22.80 17.17 13.69
N GLU D 53 -23.16 18.06 12.78
CA GLU D 53 -23.26 19.47 13.14
C GLU D 53 -24.73 19.89 13.27
N GLY D 54 -25.62 18.90 13.30
CA GLY D 54 -27.03 19.15 13.56
C GLY D 54 -27.76 19.81 12.42
N MSE D 55 -27.20 19.74 11.23
CA MSE D 55 -27.86 20.29 10.05
C MSE D 55 -28.80 19.24 9.47
O MSE D 55 -28.54 18.69 8.39
CB MSE D 55 -26.84 20.75 9.02
CG MSE D 55 -25.80 21.74 9.55
SE MSE D 55 -24.37 22.09 8.24
CE MSE D 55 -23.27 23.34 9.25
N ILE D 56 -29.88 18.95 10.18
CA ILE D 56 -30.75 17.83 9.86
C ILE D 56 -31.49 17.99 8.53
N ASN D 57 -31.96 19.20 8.24
CA ASN D 57 -32.61 19.45 6.95
C ASN D 57 -31.68 19.11 5.79
N GLN D 58 -30.45 19.62 5.88
CA GLN D 58 -29.47 19.35 4.82
C GLN D 58 -29.14 17.86 4.75
N LYS D 59 -28.99 17.20 5.89
CA LYS D 59 -28.71 15.76 5.90
C LYS D 59 -29.80 15.00 5.15
N GLU D 60 -31.05 15.32 5.45
CA GLU D 60 -32.18 14.64 4.85
C GLU D 60 -32.24 14.84 3.34
N ILE D 61 -31.87 16.04 2.89
CA ILE D 61 -31.85 16.32 1.46
C ILE D 61 -30.83 15.45 0.77
N VAL D 62 -29.64 15.36 1.36
CA VAL D 62 -28.57 14.56 0.76
C VAL D 62 -28.92 13.07 0.80
N HIS D 63 -29.59 12.62 1.87
CA HIS D 63 -30.04 11.24 1.93
C HIS D 63 -30.95 10.93 0.72
N GLN D 64 -31.83 11.87 0.38
CA GLN D 64 -32.69 11.71 -0.79
C GLN D 64 -31.90 11.64 -2.09
N MSE D 65 -30.82 12.43 -2.19
CA MSE D 65 -29.92 12.35 -3.36
C MSE D 65 -29.32 10.98 -3.52
O MSE D 65 -29.25 10.45 -4.63
CB MSE D 65 -28.80 13.39 -3.24
CG MSE D 65 -29.31 14.82 -3.23
SE MSE D 65 -27.75 15.98 -3.15
CE MSE D 65 -28.64 17.69 -3.51
N VAL D 66 -28.83 10.43 -2.42
CA VAL D 66 -28.26 9.10 -2.43
C VAL D 66 -29.28 8.07 -2.87
N GLU D 67 -30.50 8.15 -2.32
CA GLU D 67 -31.57 7.21 -2.68
CA GLU D 67 -31.53 7.19 -2.69
C GLU D 67 -31.88 7.31 -4.17
N THR D 68 -31.93 8.55 -4.67
CA THR D 68 -32.28 8.78 -6.07
C THR D 68 -31.26 8.09 -6.98
N ILE D 69 -29.98 8.27 -6.68
CA ILE D 69 -28.94 7.66 -7.50
C ILE D 69 -28.93 6.13 -7.32
N ARG D 70 -29.11 5.64 -6.09
CA ARG D 70 -29.13 4.21 -5.85
C ARG D 70 -30.28 3.51 -6.58
N ARG D 71 -31.47 4.08 -6.50
CA ARG D 71 -32.64 3.42 -7.08
C ARG D 71 -32.54 3.32 -8.59
N ALA D 72 -31.84 4.27 -9.21
CA ALA D 72 -31.65 4.28 -10.65
C ALA D 72 -30.49 3.40 -11.07
N SER D 73 -29.52 3.23 -10.19
CA SER D 73 -28.28 2.56 -10.60
C SER D 73 -28.22 1.08 -10.24
N GLU D 74 -28.64 0.73 -9.03
CA GLU D 74 -28.47 -0.64 -8.54
C GLU D 74 -29.19 -1.71 -9.39
N PRO D 75 -30.45 -1.46 -9.81
CA PRO D 75 -31.13 -2.53 -10.57
C PRO D 75 -30.57 -2.79 -11.96
N ILE D 76 -29.81 -1.87 -12.55
CA ILE D 76 -29.29 -2.08 -13.90
C ILE D 76 -27.80 -2.38 -13.88
N ARG D 77 -27.20 -2.30 -12.70
CA ARG D 77 -25.78 -2.49 -12.53
C ARG D 77 -25.31 -3.89 -12.96
N GLN D 78 -24.23 -3.94 -13.73
CA GLN D 78 -23.71 -5.21 -14.25
C GLN D 78 -22.66 -5.80 -13.33
N GLY D 79 -22.93 -5.79 -12.03
CA GLY D 79 -21.98 -6.29 -11.06
C GLY D 79 -22.35 -5.82 -9.67
N ARG D 80 -21.39 -5.89 -8.76
CA ARG D 80 -21.63 -5.53 -7.37
C ARG D 80 -20.33 -5.08 -6.74
N GLY D 81 -20.41 -4.55 -5.52
CA GLY D 81 -19.19 -4.22 -4.81
C GLY D 81 -18.68 -2.83 -5.12
N PHE D 82 -17.37 -2.64 -4.96
CA PHE D 82 -16.85 -1.28 -4.92
C PHE D 82 -15.63 -1.02 -5.78
N HIS D 83 -15.23 -1.99 -6.60
CA HIS D 83 -14.06 -1.79 -7.45
C HIS D 83 -14.34 -1.93 -8.94
N ASP D 84 -15.54 -2.38 -9.30
CA ASP D 84 -15.90 -2.38 -10.71
C ASP D 84 -17.41 -2.27 -10.93
N ALA D 85 -17.80 -2.41 -12.20
CA ALA D 85 -19.21 -2.34 -12.58
C ALA D 85 -19.87 -1.04 -12.11
N TYR D 86 -19.19 0.08 -12.32
CA TYR D 86 -19.74 1.38 -11.92
C TYR D 86 -20.90 1.78 -12.81
N VAL D 87 -21.76 2.66 -12.30
CA VAL D 87 -22.83 3.21 -13.12
C VAL D 87 -22.66 4.73 -13.18
N TYR D 88 -22.26 5.21 -14.36
CA TYR D 88 -22.06 6.64 -14.58
C TYR D 88 -23.35 7.31 -15.04
N PHE D 89 -23.38 8.64 -14.96
CA PHE D 89 -24.59 9.39 -15.29
C PHE D 89 -24.98 9.25 -16.76
N ALA D 90 -24.08 9.59 -17.69
CA ALA D 90 -24.48 9.62 -19.09
C ALA D 90 -23.48 9.03 -20.06
N SER D 91 -22.23 8.90 -19.64
CA SER D 91 -21.17 8.39 -20.47
C SER D 91 -20.14 7.69 -19.62
N VAL D 92 -19.54 6.63 -20.16
CA VAL D 92 -18.51 5.90 -19.42
C VAL D 92 -17.13 6.40 -19.84
N PRO D 93 -16.38 6.96 -18.90
CA PRO D 93 -15.04 7.52 -19.17
C PRO D 93 -14.00 6.41 -19.43
N GLU D 94 -12.87 6.77 -20.01
CA GLU D 94 -11.88 5.77 -20.36
C GLU D 94 -11.12 5.21 -19.17
N ASN D 95 -11.32 5.79 -17.98
CA ASN D 95 -10.67 5.25 -16.78
C ASN D 95 -11.62 4.39 -15.93
N ALA D 96 -12.81 4.12 -16.45
CA ALA D 96 -13.77 3.28 -15.74
C ALA D 96 -13.30 1.84 -15.66
N PRO D 97 -13.60 1.17 -14.53
CA PRO D 97 -13.28 -0.24 -14.36
C PRO D 97 -14.18 -1.11 -15.23
N PRO D 98 -13.86 -2.40 -15.35
CA PRO D 98 -14.63 -3.32 -16.19
C PRO D 98 -16.12 -3.36 -15.87
N ASN D 99 -16.94 -3.65 -16.87
CA ASN D 99 -18.40 -3.83 -16.71
C ASN D 99 -19.14 -2.58 -16.29
N SER D 100 -18.52 -1.42 -16.46
CA SER D 100 -19.18 -0.15 -16.17
C SER D 100 -20.14 0.24 -17.28
N ILE D 101 -21.24 0.91 -16.89
CA ILE D 101 -22.26 1.38 -17.81
C ILE D 101 -22.66 2.78 -17.44
N ALA D 102 -23.53 3.38 -18.25
CA ALA D 102 -24.15 4.67 -17.94
C ALA D 102 -25.67 4.50 -17.87
N LEU D 103 -26.34 5.43 -17.20
CA LEU D 103 -27.79 5.42 -17.17
C LEU D 103 -28.38 5.54 -18.58
N PRO D 104 -29.48 4.82 -18.84
CA PRO D 104 -30.20 5.05 -20.09
C PRO D 104 -30.82 6.46 -20.10
N PRO D 105 -31.09 7.02 -21.29
CA PRO D 105 -31.55 8.41 -21.46
C PRO D 105 -32.71 8.82 -20.55
N GLN D 106 -33.74 7.98 -20.43
CA GLN D 106 -34.90 8.34 -19.61
C GLN D 106 -34.51 8.47 -18.15
N ALA D 107 -33.68 7.55 -17.68
CA ALA D 107 -33.21 7.59 -16.30
C ALA D 107 -32.35 8.83 -16.08
N GLN D 108 -31.55 9.21 -17.07
CA GLN D 108 -30.75 10.42 -16.96
C GLN D 108 -31.64 11.63 -16.67
N SER D 109 -32.69 11.78 -17.47
CA SER D 109 -33.59 12.91 -17.31
C SER D 109 -34.27 12.88 -15.93
N GLU D 110 -34.69 11.70 -15.49
CA GLU D 110 -35.37 11.59 -14.21
C GLU D 110 -34.42 11.88 -13.04
N VAL D 111 -33.23 11.30 -13.10
CA VAL D 111 -32.26 11.51 -12.05
C VAL D 111 -31.82 12.97 -11.96
N GLN D 112 -31.53 13.58 -13.11
CA GLN D 112 -31.05 14.97 -13.10
C GLN D 112 -32.14 15.92 -12.62
N ALA D 113 -33.38 15.67 -13.01
CA ALA D 113 -34.48 16.55 -12.57
C ALA D 113 -34.63 16.49 -11.05
N LYS D 114 -34.60 15.27 -10.49
CA LYS D 114 -34.75 15.11 -9.06
C LYS D 114 -33.57 15.70 -8.31
N LEU D 115 -32.36 15.42 -8.80
CA LEU D 115 -31.16 15.92 -8.12
C LEU D 115 -31.11 17.44 -8.19
N THR D 116 -31.61 18.02 -9.29
CA THR D 116 -31.63 19.47 -9.42
C THR D 116 -32.59 20.07 -8.41
N GLU D 117 -33.76 19.47 -8.25
CA GLU D 117 -34.71 19.96 -7.23
C GLU D 117 -34.12 19.90 -5.83
N LEU D 118 -33.42 18.82 -5.55
CA LEU D 118 -32.81 18.62 -4.24
C LEU D 118 -31.68 19.61 -4.01
N MSE D 119 -30.89 19.86 -5.05
CA MSE D 119 -29.80 20.83 -4.95
C MSE D 119 -30.38 22.22 -4.70
O MSE D 119 -29.80 23.01 -3.97
CB MSE D 119 -28.93 20.82 -6.22
CG MSE D 119 -27.63 21.66 -6.12
SE MSE D 119 -26.39 20.97 -4.76
CE MSE D 119 -26.22 22.63 -3.76
N GLN D 120 -31.53 22.54 -5.32
CA GLN D 120 -32.18 23.83 -5.06
CA GLN D 120 -32.19 23.82 -5.07
C GLN D 120 -32.56 23.93 -3.59
N LYS D 121 -33.05 22.84 -3.02
CA LYS D 121 -33.44 22.88 -1.62
C LYS D 121 -32.22 23.14 -0.75
N LEU D 122 -31.11 22.49 -1.11
CA LEU D 122 -29.86 22.65 -0.37
C LEU D 122 -29.34 24.09 -0.48
N ALA D 123 -29.39 24.64 -1.69
CA ALA D 123 -28.91 26.01 -1.91
C ALA D 123 -29.76 27.03 -1.16
N ASN D 124 -31.05 26.77 -1.04
CA ASN D 124 -31.91 27.71 -0.33
C ASN D 124 -31.66 27.70 1.18
N ARG D 125 -31.22 26.55 1.70
CA ARG D 125 -30.87 26.40 3.11
C ARG D 125 -29.52 27.03 3.41
N ASN D 126 -28.59 26.92 2.46
CA ASN D 126 -27.25 27.49 2.65
C ASN D 126 -26.79 28.23 1.41
N PRO D 127 -27.41 29.39 1.12
CA PRO D 127 -27.07 30.10 -0.10
C PRO D 127 -25.64 30.62 -0.13
N GLN D 128 -25.12 31.14 0.99
CA GLN D 128 -23.75 31.64 1.01
C GLN D 128 -22.77 30.52 0.69
N GLY D 129 -23.03 29.33 1.23
CA GLY D 129 -22.14 28.20 1.06
C GLY D 129 -22.13 27.72 -0.37
N VAL D 130 -23.29 27.70 -0.98
CA VAL D 130 -23.37 27.24 -2.37
C VAL D 130 -22.76 28.29 -3.30
N ALA D 131 -23.00 29.57 -3.02
CA ALA D 131 -22.38 30.65 -3.79
C ALA D 131 -20.85 30.58 -3.71
N GLU D 132 -20.33 30.25 -2.52
CA GLU D 132 -18.89 30.15 -2.36
C GLU D 132 -18.34 29.01 -3.22
N GLU D 133 -19.08 27.92 -3.29
CA GLU D 133 -18.64 26.79 -4.09
C GLU D 133 -18.66 27.16 -5.56
N GLU D 134 -19.68 27.89 -5.98
CA GLU D 134 -19.73 28.34 -7.37
C GLU D 134 -18.53 29.23 -7.69
N GLN D 135 -18.13 30.07 -6.74
CA GLN D 135 -16.90 30.87 -6.90
C GLN D 135 -15.66 30.01 -7.02
N GLU D 136 -15.53 29.04 -6.12
CA GLU D 136 -14.37 28.17 -6.09
C GLU D 136 -14.25 27.38 -7.38
N LEU D 137 -15.37 26.92 -7.92
CA LEU D 137 -15.37 26.14 -9.16
C LEU D 137 -14.85 26.97 -10.33
N ALA D 138 -14.95 28.28 -10.24
CA ALA D 138 -14.46 29.17 -11.30
C ALA D 138 -13.01 29.56 -11.07
N ASP E 17 -23.32 45.54 8.27
CA ASP E 17 -23.59 46.41 7.14
C ASP E 17 -24.14 45.63 5.93
N TYR E 18 -25.37 45.15 6.06
CA TYR E 18 -25.96 44.28 5.05
C TYR E 18 -26.29 45.04 3.77
N ALA E 19 -26.73 46.27 3.88
CA ALA E 19 -26.98 47.10 2.72
C ALA E 19 -25.71 47.31 1.91
N GLY E 20 -24.61 47.51 2.62
CA GLY E 20 -23.32 47.64 1.98
C GLY E 20 -22.93 46.35 1.29
N GLY E 21 -23.21 45.22 1.93
CA GLY E 21 -22.92 43.94 1.31
C GLY E 21 -23.68 43.77 0.01
N VAL E 22 -24.93 44.22 -0.01
CA VAL E 22 -25.74 44.15 -1.22
C VAL E 22 -25.11 44.98 -2.33
N LEU E 23 -24.64 46.18 -1.98
CA LEU E 23 -23.97 47.01 -2.99
C LEU E 23 -22.75 46.28 -3.56
N ALA E 24 -21.99 45.61 -2.70
CA ALA E 24 -20.80 44.90 -3.16
C ALA E 24 -21.19 43.80 -4.14
N ILE E 25 -22.30 43.14 -3.83
CA ILE E 25 -22.80 42.06 -4.70
C ILE E 25 -23.23 42.62 -6.06
N LEU E 26 -23.99 43.71 -6.05
CA LEU E 26 -24.45 44.31 -7.31
C LEU E 26 -23.27 44.83 -8.13
N THR E 27 -22.23 45.32 -7.47
CA THR E 27 -21.04 45.81 -8.15
C THR E 27 -20.39 44.67 -8.91
N GLN E 28 -20.27 43.52 -8.25
CA GLN E 28 -19.68 42.35 -8.91
C GLN E 28 -20.56 41.91 -10.08
N TYR E 29 -21.88 42.01 -9.90
CA TYR E 29 -22.83 41.60 -10.94
C TYR E 29 -22.71 42.51 -12.16
N PHE E 30 -22.74 43.82 -11.93
CA PHE E 30 -22.68 44.76 -13.05
C PHE E 30 -21.35 44.75 -13.75
N ASN E 31 -20.31 44.24 -13.08
CA ASN E 31 -18.99 44.15 -13.69
C ASN E 31 -18.73 42.76 -14.29
N ASN E 32 -19.79 41.98 -14.39
CA ASN E 32 -19.75 40.64 -15.02
C ASN E 32 -18.81 39.68 -14.32
N MSE E 33 -18.64 39.87 -13.01
CA MSE E 33 -17.76 38.98 -12.26
CA MSE E 33 -17.77 39.02 -12.19
C MSE E 33 -18.54 37.85 -11.57
O MSE E 33 -17.98 36.77 -11.31
CB MSE E 33 -16.95 39.77 -11.23
CB MSE E 33 -17.11 39.85 -11.07
CG MSE E 33 -15.74 40.46 -11.83
CG MSE E 33 -16.38 41.11 -11.51
SE MSE E 33 -14.49 39.17 -12.63
SE MSE E 33 -15.78 42.23 -10.00
CE MSE E 33 -15.04 39.28 -14.48
CE MSE E 33 -14.77 40.88 -9.02
N VAL E 34 -19.82 38.08 -11.32
CA VAL E 34 -20.73 37.10 -10.74
CA VAL E 34 -20.71 37.06 -10.77
C VAL E 34 -22.01 37.04 -11.57
N GLY E 35 -22.48 35.85 -11.88
CA GLY E 35 -23.69 35.73 -12.67
C GLY E 35 -24.83 35.13 -11.86
N TYR E 36 -25.97 34.96 -12.51
CA TYR E 36 -27.09 34.21 -11.96
C TYR E 36 -26.82 32.72 -12.20
N PRO E 37 -27.11 31.85 -11.21
CA PRO E 37 -27.81 32.10 -9.95
C PRO E 37 -26.91 32.51 -8.79
N GLU E 38 -25.59 32.57 -8.98
CA GLU E 38 -24.73 32.91 -7.84
C GLU E 38 -25.12 34.24 -7.21
N VAL E 39 -25.38 35.23 -8.05
CA VAL E 39 -25.70 36.56 -7.54
C VAL E 39 -26.95 36.51 -6.64
N SER E 40 -27.91 35.69 -7.01
CA SER E 40 -29.17 35.62 -6.27
C SER E 40 -28.97 34.90 -4.94
N LEU E 41 -28.10 33.91 -4.93
CA LEU E 41 -27.78 33.22 -3.69
C LEU E 41 -27.09 34.18 -2.73
N LYS E 42 -26.17 34.99 -3.24
CA LYS E 42 -25.49 35.96 -2.38
C LYS E 42 -26.48 36.97 -1.83
N LEU E 43 -27.41 37.43 -2.67
CA LEU E 43 -28.44 38.37 -2.20
C LEU E 43 -29.35 37.70 -1.17
N ALA E 44 -29.68 36.44 -1.37
CA ALA E 44 -30.51 35.71 -0.41
C ALA E 44 -29.81 35.60 0.94
N GLY E 45 -28.49 35.50 0.92
CA GLY E 45 -27.69 35.47 2.14
C GLY E 45 -27.87 36.75 2.94
N GLU E 46 -27.86 37.88 2.25
CA GLU E 46 -28.06 39.18 2.90
C GLU E 46 -29.50 39.33 3.38
N GLU E 47 -30.44 38.86 2.57
CA GLU E 47 -31.85 38.92 2.91
C GLU E 47 -32.14 38.23 4.24
N ALA E 48 -31.51 37.07 4.44
CA ALA E 48 -31.65 36.31 5.67
C ALA E 48 -30.99 37.05 6.85
N ASN E 49 -29.84 37.66 6.60
CA ASN E 49 -29.18 38.48 7.61
C ASN E 49 -30.11 39.59 8.05
N MSE E 50 -30.73 40.21 7.06
CA MSE E 50 -31.61 41.34 7.31
C MSE E 50 -32.86 40.92 8.05
O MSE E 50 -33.28 41.58 9.00
CB MSE E 50 -31.99 42.03 5.99
CG MSE E 50 -30.86 42.81 5.36
SE MSE E 50 -31.31 43.12 3.50
CE MSE E 50 -29.97 44.44 2.98
N SER E 51 -33.45 39.80 7.62
CA SER E 51 -34.67 39.32 8.29
C SER E 51 -34.36 38.93 9.74
N ARG E 52 -33.22 38.27 9.95
CA ARG E 52 -32.76 37.85 11.27
C ARG E 52 -32.73 38.99 12.27
N GLU E 53 -32.38 40.18 11.79
CA GLU E 53 -32.22 41.33 12.65
C GLU E 53 -33.39 42.29 12.53
N GLY E 54 -34.47 41.84 11.91
CA GLY E 54 -35.71 42.60 11.85
C GLY E 54 -35.70 43.81 10.93
N MSE E 55 -34.79 43.82 9.97
CA MSE E 55 -34.77 44.88 8.97
C MSE E 55 -35.70 44.51 7.81
O MSE E 55 -35.24 44.19 6.71
CB MSE E 55 -33.34 45.12 8.48
CG MSE E 55 -32.40 45.58 9.59
SE MSE E 55 -30.51 45.44 9.07
CE MSE E 55 -29.69 45.85 10.80
N ILE E 56 -37.01 44.56 8.06
CA ILE E 56 -38.00 44.08 7.11
C ILE E 56 -38.04 44.89 5.80
N ASN E 57 -37.94 46.21 5.90
CA ASN E 57 -37.92 47.06 4.70
C ASN E 57 -36.79 46.68 3.77
N GLN E 58 -35.60 46.54 4.35
CA GLN E 58 -34.42 46.17 3.58
C GLN E 58 -34.57 44.78 2.99
N LYS E 59 -35.11 43.84 3.78
CA LYS E 59 -35.34 42.48 3.31
C LYS E 59 -36.25 42.46 2.08
N GLU E 60 -37.35 43.21 2.14
CA GLU E 60 -38.31 43.26 1.04
C GLU E 60 -37.69 43.86 -0.20
N ILE E 61 -36.83 44.85 -0.03
CA ILE E 61 -36.15 45.45 -1.18
C ILE E 61 -35.24 44.43 -1.86
N VAL E 62 -34.45 43.70 -1.07
CA VAL E 62 -33.54 42.72 -1.65
C VAL E 62 -34.32 41.56 -2.29
N HIS E 63 -35.46 41.20 -1.70
CA HIS E 63 -36.34 40.20 -2.31
C HIS E 63 -36.73 40.62 -3.72
N GLN E 64 -37.08 41.89 -3.88
CA GLN E 64 -37.46 42.40 -5.20
C GLN E 64 -36.28 42.38 -6.16
N MSE E 65 -35.07 42.59 -5.64
CA MSE E 65 -33.86 42.51 -6.46
C MSE E 65 -33.69 41.12 -7.00
O MSE E 65 -33.44 40.91 -8.20
CB MSE E 65 -32.61 42.87 -5.67
CG MSE E 65 -32.54 44.33 -5.27
SE MSE E 65 -30.91 44.65 -4.29
CE MSE E 65 -31.07 46.57 -4.20
N VAL E 66 -33.79 40.14 -6.10
CA VAL E 66 -33.71 38.74 -6.53
C VAL E 66 -34.76 38.40 -7.59
N GLU E 67 -36.01 38.81 -7.40
CA GLU E 67 -37.05 38.52 -8.39
CA GLU E 67 -37.07 38.57 -8.38
C GLU E 67 -36.75 39.19 -9.73
N THR E 68 -36.24 40.41 -9.69
CA THR E 68 -35.90 41.14 -10.91
C THR E 68 -34.87 40.37 -11.72
N ILE E 69 -33.82 39.89 -11.05
CA ILE E 69 -32.78 39.15 -11.75
C ILE E 69 -33.29 37.79 -12.21
N ARG E 70 -34.09 37.11 -11.38
CA ARG E 70 -34.62 35.80 -11.77
C ARG E 70 -35.47 35.90 -13.04
N ARG E 71 -36.37 36.90 -13.06
CA ARG E 71 -37.31 37.02 -14.17
C ARG E 71 -36.62 37.37 -15.48
N ALA E 72 -35.48 38.04 -15.39
CA ALA E 72 -34.74 38.39 -16.59
C ALA E 72 -33.83 37.25 -17.04
N SER E 73 -33.41 36.41 -16.10
CA SER E 73 -32.35 35.40 -16.36
C SER E 73 -32.85 33.99 -16.60
N GLU E 74 -33.74 33.51 -15.72
CA GLU E 74 -34.21 32.13 -15.81
C GLU E 74 -34.88 31.76 -17.15
N PRO E 75 -35.70 32.67 -17.73
CA PRO E 75 -36.40 32.28 -18.97
C PRO E 75 -35.47 32.13 -20.17
N ILE E 76 -34.27 32.71 -20.13
CA ILE E 76 -33.34 32.59 -21.27
C ILE E 76 -32.12 31.70 -21.00
N ARG E 77 -32.03 31.18 -19.78
CA ARG E 77 -30.86 30.41 -19.36
C ARG E 77 -30.67 29.14 -20.19
N GLN E 78 -29.43 28.85 -20.59
CA GLN E 78 -29.16 27.67 -21.42
C GLN E 78 -28.80 26.46 -20.55
N GLY E 79 -29.55 26.26 -19.47
CA GLY E 79 -29.27 25.15 -18.59
C GLY E 79 -30.05 25.34 -17.32
N ARG E 80 -29.70 24.58 -16.29
CA ARG E 80 -30.43 24.61 -15.04
C ARG E 80 -29.50 24.23 -13.92
N GLY E 81 -29.91 24.44 -12.68
CA GLY E 81 -29.07 24.01 -11.57
C GLY E 81 -28.06 25.06 -11.15
N PHE E 82 -26.95 24.59 -10.59
CA PHE E 82 -26.05 25.48 -9.87
C PHE E 82 -24.60 25.35 -10.24
N HIS E 83 -24.25 24.57 -11.26
CA HIS E 83 -22.82 24.47 -11.58
C HIS E 83 -22.43 24.91 -12.99
N ASP E 84 -23.41 25.20 -13.84
CA ASP E 84 -23.08 25.76 -15.14
C ASP E 84 -24.21 26.59 -15.71
N ALA E 85 -24.08 27.00 -16.97
CA ALA E 85 -25.10 27.81 -17.65
C ALA E 85 -25.49 29.09 -16.87
N TYR E 86 -24.49 29.83 -16.39
CA TYR E 86 -24.75 31.06 -15.65
C TYR E 86 -25.27 32.14 -16.59
N VAL E 87 -25.98 33.10 -16.03
CA VAL E 87 -26.45 34.24 -16.82
C VAL E 87 -25.84 35.50 -16.26
N TYR E 88 -24.91 36.08 -17.01
CA TYR E 88 -24.21 37.28 -16.60
C TYR E 88 -24.93 38.53 -17.07
N PHE E 89 -24.59 39.67 -16.48
CA PHE E 89 -25.28 40.91 -16.82
C PHE E 89 -25.08 41.35 -18.28
N ALA E 90 -23.83 41.51 -18.69
CA ALA E 90 -23.57 42.08 -20.02
C ALA E 90 -22.48 41.38 -20.82
N SER E 91 -21.65 40.62 -20.13
CA SER E 91 -20.55 39.93 -20.79
C SER E 91 -20.20 38.64 -20.08
N VAL E 92 -19.80 37.61 -20.83
CA VAL E 92 -19.44 36.34 -20.21
C VAL E 92 -17.94 36.26 -19.97
N PRO E 93 -17.52 36.15 -18.70
CA PRO E 93 -16.08 36.12 -18.42
C PRO E 93 -15.43 34.81 -18.83
N GLU E 94 -14.10 34.81 -18.92
CA GLU E 94 -13.37 33.65 -19.42
C GLU E 94 -13.32 32.51 -18.39
N ASN E 95 -13.77 32.78 -17.16
CA ASN E 95 -13.84 31.72 -16.15
C ASN E 95 -15.24 31.14 -16.01
N ALA E 96 -16.16 31.59 -16.86
CA ALA E 96 -17.54 31.11 -16.82
C ALA E 96 -17.64 29.63 -17.18
N PRO E 97 -18.56 28.91 -16.53
CA PRO E 97 -18.78 27.49 -16.84
C PRO E 97 -19.48 27.33 -18.21
N PRO E 98 -19.53 26.10 -18.73
CA PRO E 98 -20.13 25.87 -20.05
C PRO E 98 -21.55 26.42 -20.17
N ASN E 99 -21.91 26.81 -21.38
CA ASN E 99 -23.26 27.28 -21.70
C ASN E 99 -23.72 28.56 -20.99
N SER E 100 -22.77 29.33 -20.47
CA SER E 100 -23.10 30.62 -19.87
C SER E 100 -23.37 31.65 -20.96
N ILE E 101 -24.28 32.59 -20.65
CA ILE E 101 -24.68 33.65 -21.57
C ILE E 101 -24.75 34.98 -20.83
N ALA E 102 -25.01 36.05 -21.57
CA ALA E 102 -25.28 37.36 -20.98
C ALA E 102 -26.66 37.85 -21.37
N LEU E 103 -27.20 38.79 -20.58
CA LEU E 103 -28.48 39.40 -20.92
C LEU E 103 -28.37 40.14 -22.25
N PRO E 104 -29.45 40.10 -23.05
CA PRO E 104 -29.46 40.95 -24.24
C PRO E 104 -29.50 42.42 -23.83
N PRO E 105 -29.00 43.33 -24.68
CA PRO E 105 -28.86 44.76 -24.36
C PRO E 105 -30.12 45.40 -23.77
N GLN E 106 -31.29 45.12 -24.33
CA GLN E 106 -32.51 45.75 -23.80
C GLN E 106 -32.82 45.26 -22.38
N ALA E 107 -32.61 43.97 -22.15
CA ALA E 107 -32.80 43.38 -20.83
C ALA E 107 -31.80 43.98 -19.86
N GLN E 108 -30.58 44.23 -20.34
CA GLN E 108 -29.57 44.90 -19.52
C GLN E 108 -30.10 46.24 -19.00
N SER E 109 -30.65 47.03 -19.92
CA SER E 109 -31.13 48.34 -19.56
C SER E 109 -32.24 48.28 -18.53
N GLU E 110 -33.16 47.34 -18.71
CA GLU E 110 -34.32 47.19 -17.83
C GLU E 110 -33.92 46.69 -16.44
N VAL E 111 -33.04 45.70 -16.41
CA VAL E 111 -32.58 45.17 -15.16
C VAL E 111 -31.77 46.21 -14.38
N GLN E 112 -30.90 46.93 -15.08
CA GLN E 112 -30.06 47.92 -14.41
C GLN E 112 -30.92 49.05 -13.87
N ALA E 113 -31.95 49.44 -14.62
CA ALA E 113 -32.83 50.52 -14.16
C ALA E 113 -33.56 50.11 -12.89
N LYS E 114 -34.11 48.91 -12.88
CA LYS E 114 -34.86 48.44 -11.72
C LYS E 114 -33.96 48.19 -10.51
N LEU E 115 -32.79 47.58 -10.71
CA LEU E 115 -31.89 47.31 -9.60
C LEU E 115 -31.34 48.58 -8.98
N THR E 116 -31.10 49.60 -9.82
CA THR E 116 -30.60 50.86 -9.29
C THR E 116 -31.68 51.58 -8.49
N GLU E 117 -32.92 51.53 -8.96
CA GLU E 117 -34.02 52.10 -8.21
C GLU E 117 -34.12 51.41 -6.85
N LEU E 118 -33.95 50.10 -6.85
CA LEU E 118 -34.03 49.35 -5.59
C LEU E 118 -32.84 49.66 -4.67
N MSE E 119 -31.65 49.84 -5.26
CA MSE E 119 -30.45 50.16 -4.48
C MSE E 119 -30.64 51.52 -3.82
O MSE E 119 -30.19 51.75 -2.69
CB MSE E 119 -29.19 50.15 -5.36
CG MSE E 119 -27.85 50.21 -4.59
SE MSE E 119 -27.58 48.71 -3.36
CE MSE E 119 -27.22 49.71 -1.73
N GLN E 120 -31.29 52.44 -4.54
CA GLN E 120 -31.58 53.77 -4.01
CA GLN E 120 -31.57 53.77 -3.99
C GLN E 120 -32.47 53.66 -2.77
N LYS E 121 -33.47 52.81 -2.86
CA LYS E 121 -34.39 52.62 -1.75
C LYS E 121 -33.63 52.05 -0.55
N LEU E 122 -32.74 51.12 -0.83
CA LEU E 122 -31.89 50.55 0.20
C LEU E 122 -30.94 51.59 0.81
N ALA E 123 -30.33 52.40 -0.05
CA ALA E 123 -29.39 53.41 0.39
C ALA E 123 -30.13 54.44 1.25
N ASN E 124 -31.39 54.70 0.92
CA ASN E 124 -32.12 55.68 1.73
C ASN E 124 -32.40 55.16 3.14
N ARG E 125 -32.53 53.85 3.28
CA ARG E 125 -32.79 53.26 4.59
C ARG E 125 -31.52 53.20 5.44
N ASN E 126 -30.39 52.94 4.80
CA ASN E 126 -29.10 52.84 5.51
C ASN E 126 -28.01 53.60 4.77
N PRO E 127 -28.11 54.93 4.75
CA PRO E 127 -27.12 55.71 3.99
C PRO E 127 -25.69 55.61 4.54
N GLN E 128 -25.50 55.57 5.86
CA GLN E 128 -24.15 55.45 6.39
C GLN E 128 -23.53 54.12 5.94
N GLY E 129 -24.33 53.07 5.96
CA GLY E 129 -23.86 51.75 5.60
C GLY E 129 -23.45 51.65 4.14
N VAL E 130 -24.25 52.26 3.27
CA VAL E 130 -23.93 52.24 1.85
C VAL E 130 -22.74 53.16 1.57
N ALA E 131 -22.67 54.30 2.25
CA ALA E 131 -21.51 55.16 2.07
C ALA E 131 -20.21 54.47 2.48
N GLU E 132 -20.26 53.71 3.58
CA GLU E 132 -19.08 53.00 4.07
C GLU E 132 -18.61 51.95 3.07
N GLU E 133 -19.55 51.31 2.39
CA GLU E 133 -19.19 50.34 1.37
C GLU E 133 -18.53 51.02 0.19
N GLU E 134 -19.04 52.20 -0.18
CA GLU E 134 -18.44 52.96 -1.27
C GLU E 134 -17.01 53.34 -0.92
N GLN E 135 -16.78 53.70 0.35
CA GLN E 135 -15.43 53.98 0.84
C GLN E 135 -14.56 52.71 0.73
N GLU E 136 -15.11 51.58 1.13
CA GLU E 136 -14.37 50.32 1.06
C GLU E 136 -14.03 49.94 -0.37
N LEU E 137 -14.96 50.15 -1.29
CA LEU E 137 -14.73 49.82 -2.70
C LEU E 137 -13.60 50.67 -3.30
N ALA E 138 -13.44 51.88 -2.79
CA ALA E 138 -12.41 52.79 -3.28
C ALA E 138 -11.03 52.40 -2.73
N THR E 139 -11.03 51.68 -1.61
CA THR E 139 -9.79 51.27 -0.97
C THR E 139 -9.63 49.75 -1.00
N NO3 F . 63.45 -19.35 -0.60
O1 NO3 F . 62.47 -20.05 -0.99
O2 NO3 F . 64.47 -19.26 -1.32
O3 NO3 F . 63.40 -18.73 0.51
N NO3 G . 35.81 -7.54 14.20
O1 NO3 G . 36.25 -7.24 15.34
O2 NO3 G . 36.31 -8.50 13.54
O3 NO3 G . 34.85 -6.87 13.71
N NO3 H . 36.19 -25.77 7.39
O1 NO3 H . 35.86 -25.47 8.57
O2 NO3 H . 37.27 -26.37 7.16
O3 NO3 H . 35.43 -25.49 6.43
N NO3 I . 9.64 -7.59 17.77
O1 NO3 I . 9.18 -6.55 17.21
O2 NO3 I . 9.70 -7.64 19.04
O3 NO3 I . 10.02 -8.57 17.08
N NO3 J . 7.13 -21.70 4.58
O1 NO3 J . 6.85 -20.83 3.72
O2 NO3 J . 8.08 -22.52 4.37
O3 NO3 J . 6.49 -21.76 5.67
N NO3 K . -14.48 2.57 13.55
O1 NO3 K . -14.45 3.05 14.72
O2 NO3 K . -13.88 1.48 13.30
O3 NO3 K . -15.11 3.16 12.62
N NO3 L . -15.61 -5.09 -3.60
O1 NO3 L . -15.10 -6.24 -3.77
O2 NO3 L . -15.32 -4.16 -4.40
O3 NO3 L . -16.41 -4.89 -2.65
N NO3 M . -30.39 22.11 8.90
O1 NO3 M . -29.75 23.12 9.30
O2 NO3 M . -30.05 21.53 7.83
O3 NO3 M . -31.37 21.67 9.57
N NO3 N . -26.95 21.21 -10.08
O1 NO3 N . -28.11 21.51 -9.68
O2 NO3 N . -26.76 20.12 -10.70
O3 NO3 N . -25.99 21.99 -9.86
N NO3 O . -35.34 48.48 7.91
O1 NO3 O . -35.26 49.64 7.42
O2 NO3 O . -35.22 47.47 7.16
O3 NO3 O . -35.55 48.32 9.14
#